data_7TBU
#
_entry.id   7TBU
#
_cell.length_a   44.987
_cell.length_b   159.754
_cell.length_c   55.874
_cell.angle_alpha   90.000
_cell.angle_beta   92.275
_cell.angle_gamma   90.000
#
_symmetry.space_group_name_H-M   'P 1 21 1'
#
loop_
_entity.id
_entity.type
_entity.pdbx_description
1 polymer '5-enolpyruvylshikimate-3-phosphate synthase'
2 non-polymer 2-AMINO-2-HYDROXYMETHYL-PROPANE-1,3-DIOL
3 non-polymer SHIKIMATE-3-PHOSPHATE
4 water water
#
_entity_poly.entity_id   1
_entity_poly.type   'polypeptide(L)'
_entity_poly.pdbx_seq_one_letter_code
;TDEVLVHPFTNPPKENIIVPPGSKSISNRALILAALGNGTVRVKNLLHSDDTKHMLDAVASLKGAEISTEDNGETIVVKG
NGGNLVTSGEELYLGNAGTASRFLTTVASLVGKSQASDDVILTGNARMQERPIGPLVDALRSNGSEIEYLNKQGSLPLKI
SAGNGLKGGRIELAATISSQYVSSILMCAPYAKEPVTLALVGGKPISQLYIDMTCAMMKSFGIEVTKSTTEEYTYHIPKG
TYKNPSEYVIESDASSATYPLAFAAMTGTSCTIPNIGSSSLQGDAKFAVDVLKPMGCKVEQTTTSTTVTGPPRGHLKPLP
HVDMEPMTDAFLTASVVAAVAKGGSSTSITGIANQRVKECNRIEAMVTELAKFGVPANELPDGIEIHGIDIEDLKTPEIS
KRGVSSYDDHRVAMSFSLLAGLCKEPVLILERSTTGKTWPGWWDILHSKFKIELDGYE
;
_entity_poly.pdbx_strand_id   A,B
#
loop_
_chem_comp.id
_chem_comp.type
_chem_comp.name
_chem_comp.formula
S3P non-polymer SHIKIMATE-3-PHOSPHATE 'C7 H11 O8 P'
TRS non-polymer 2-AMINO-2-HYDROXYMETHYL-PROPANE-1,3-DIOL 'C4 H12 N O3 1'
#
# COMPACT_ATOMS: atom_id res chain seq x y z
N THR A 1 -0.54 18.73 -12.97
CA THR A 1 0.43 19.65 -12.39
C THR A 1 -0.29 20.76 -11.62
N ASP A 2 0.20 21.06 -10.42
CA ASP A 2 -0.42 22.04 -9.53
C ASP A 2 0.58 23.16 -9.22
N GLU A 3 0.20 24.05 -8.32
CA GLU A 3 1.02 25.17 -7.88
C GLU A 3 1.36 25.02 -6.41
N VAL A 4 2.54 25.49 -6.04
CA VAL A 4 2.95 25.58 -4.63
C VAL A 4 3.73 26.86 -4.44
N LEU A 5 3.35 27.65 -3.44
CA LEU A 5 4.01 28.91 -3.14
C LEU A 5 4.93 28.69 -1.94
N VAL A 6 6.23 28.72 -2.18
CA VAL A 6 7.22 28.46 -1.15
C VAL A 6 7.60 29.78 -0.47
N HIS A 7 7.38 29.86 0.85
CA HIS A 7 7.74 31.04 1.60
C HIS A 7 9.20 31.00 2.01
N PRO A 8 9.81 32.16 2.29
CA PRO A 8 11.24 32.18 2.62
C PRO A 8 11.55 31.32 3.84
N PHE A 9 12.73 30.70 3.82
CA PHE A 9 13.23 29.90 4.92
C PHE A 9 13.69 30.82 6.05
N THR A 10 12.76 31.52 6.68
CA THR A 10 13.10 32.70 7.46
C THR A 10 13.96 32.35 8.67
N ASN A 11 13.55 31.36 9.46
CA ASN A 11 14.31 30.93 10.63
C ASN A 11 14.17 29.42 10.76
N PRO A 12 14.92 28.66 9.95
CA PRO A 12 14.77 27.21 9.96
C PRO A 12 15.24 26.63 11.28
N PRO A 13 14.79 25.42 11.63
CA PRO A 13 15.31 24.75 12.82
C PRO A 13 16.81 24.48 12.69
N LYS A 14 17.50 24.53 13.82
CA LYS A 14 18.96 24.42 13.83
C LYS A 14 19.41 23.07 13.31
N GLU A 15 18.77 22.00 13.74
CA GLU A 15 19.13 20.65 13.34
C GLU A 15 17.88 19.92 12.85
N ASN A 16 18.09 18.93 11.99
CA ASN A 16 16.92 18.25 11.44
C ASN A 16 17.34 16.87 10.95
N ILE A 17 16.53 15.87 11.28
CA ILE A 17 16.80 14.49 10.94
C ILE A 17 15.74 14.06 9.94
N ILE A 18 16.19 13.56 8.78
CA ILE A 18 15.31 13.20 7.68
C ILE A 18 15.64 11.79 7.25
N VAL A 19 14.63 10.92 7.23
CA VAL A 19 14.73 9.60 6.61
C VAL A 19 13.92 9.59 5.32
N PRO A 20 14.57 9.69 4.17
CA PRO A 20 13.82 9.71 2.89
C PRO A 20 13.15 8.37 2.64
N PRO A 21 12.21 8.31 1.69
CA PRO A 21 11.61 7.03 1.33
C PRO A 21 12.66 6.11 0.73
N GLY A 22 12.35 4.81 0.74
CA GLY A 22 13.22 3.84 0.10
C GLY A 22 13.41 4.10 -1.37
N SER A 23 14.55 3.62 -1.88
CA SER A 23 14.89 3.68 -3.29
C SER A 23 13.97 2.82 -4.15
N LYS A 24 13.53 3.36 -5.29
CA LYS A 24 12.70 2.57 -6.20
C LYS A 24 13.51 1.47 -6.86
N SER A 25 14.70 1.81 -7.37
CA SER A 25 15.53 0.86 -8.10
C SER A 25 15.91 -0.31 -7.21
N ILE A 26 16.30 -0.03 -5.97
CA ILE A 26 16.67 -1.09 -5.03
C ILE A 26 15.45 -1.90 -4.62
N SER A 27 14.32 -1.24 -4.35
CA SER A 27 13.11 -1.99 -4.01
C SER A 27 12.75 -3.02 -5.08
N ASN A 28 12.79 -2.62 -6.36
CA ASN A 28 12.36 -3.49 -7.45
C ASN A 28 13.28 -4.70 -7.60
N ARG A 29 14.59 -4.50 -7.44
CA ARG A 29 15.52 -5.63 -7.51
C ARG A 29 15.32 -6.58 -6.35
N ALA A 30 15.14 -6.02 -5.13
CA ALA A 30 15.08 -6.88 -3.95
C ALA A 30 13.92 -7.86 -4.06
N LEU A 31 12.80 -7.43 -4.61
CA LEU A 31 11.64 -8.32 -4.70
C LEU A 31 11.92 -9.47 -5.66
N ILE A 32 12.60 -9.20 -6.78
CA ILE A 32 12.97 -10.29 -7.69
C ILE A 32 13.96 -11.24 -7.03
N LEU A 33 15.03 -10.70 -6.45
CA LEU A 33 16.04 -11.54 -5.81
C LEU A 33 15.44 -12.37 -4.67
N ALA A 34 14.56 -11.78 -3.85
CA ALA A 34 13.96 -12.54 -2.75
C ALA A 34 13.04 -13.65 -3.27
N ALA A 35 12.28 -13.38 -4.34
CA ALA A 35 11.35 -14.36 -4.87
C ALA A 35 12.08 -15.59 -5.40
N LEU A 36 13.29 -15.39 -5.94
CA LEU A 36 14.11 -16.46 -6.48
C LEU A 36 14.99 -17.12 -5.44
N GLY A 37 15.24 -16.42 -4.33
CA GLY A 37 16.11 -16.94 -3.30
C GLY A 37 15.46 -18.05 -2.48
N ASN A 38 16.33 -18.70 -1.72
CA ASN A 38 15.93 -19.72 -0.76
C ASN A 38 15.90 -19.12 0.64
N GLY A 39 14.78 -19.26 1.34
CA GLY A 39 14.65 -18.76 2.69
C GLY A 39 13.63 -17.64 2.77
N THR A 40 13.33 -17.26 4.02
CA THR A 40 12.35 -16.21 4.30
C THR A 40 13.09 -14.92 4.63
N VAL A 41 12.77 -13.84 3.91
CA VAL A 41 13.42 -12.55 4.14
C VAL A 41 12.37 -11.51 4.49
N ARG A 42 12.65 -10.72 5.53
CA ARG A 42 11.83 -9.58 5.88
CA ARG A 42 11.84 -9.57 5.90
C ARG A 42 12.42 -8.34 5.21
N VAL A 43 11.69 -7.79 4.25
CA VAL A 43 12.17 -6.66 3.47
C VAL A 43 11.62 -5.38 4.09
N LYS A 44 12.52 -4.50 4.49
CA LYS A 44 12.19 -3.26 5.19
C LYS A 44 12.49 -2.06 4.30
N ASN A 45 11.73 -0.99 4.51
CA ASN A 45 11.90 0.30 3.84
C ASN A 45 11.59 0.26 2.36
N LEU A 46 10.84 -0.76 1.91
CA LEU A 46 10.40 -0.81 0.53
C LEU A 46 9.68 0.47 0.13
N LEU A 47 9.86 0.87 -1.13
CA LEU A 47 9.16 2.02 -1.69
C LEU A 47 7.90 1.50 -2.35
N HIS A 48 6.74 1.92 -1.87
CA HIS A 48 5.49 1.45 -2.46
C HIS A 48 5.16 2.31 -3.68
N SER A 49 5.06 1.67 -4.84
CA SER A 49 4.84 2.38 -6.09
C SER A 49 4.14 1.42 -7.07
N ASP A 50 4.03 1.86 -8.33
CA ASP A 50 3.44 1.02 -9.36
C ASP A 50 4.19 -0.28 -9.50
N ASP A 51 5.53 -0.20 -9.66
CA ASP A 51 6.32 -1.42 -9.84
C ASP A 51 6.12 -2.36 -8.67
N THR A 52 6.32 -1.87 -7.44
CA THR A 52 6.32 -2.77 -6.30
C THR A 52 4.94 -3.35 -6.09
N LYS A 53 3.90 -2.53 -6.15
CA LYS A 53 2.56 -3.04 -5.95
C LYS A 53 2.23 -4.11 -6.98
N HIS A 54 2.50 -3.84 -8.26
CA HIS A 54 2.27 -4.85 -9.29
C HIS A 54 3.23 -6.02 -9.15
N MET A 55 4.49 -5.74 -8.82
CA MET A 55 5.46 -6.81 -8.61
C MET A 55 5.01 -7.72 -7.47
N LEU A 56 4.66 -7.11 -6.33
CA LEU A 56 4.21 -7.87 -5.17
C LEU A 56 3.07 -8.82 -5.54
N ASP A 57 2.04 -8.30 -6.20
CA ASP A 57 0.92 -9.16 -6.53
C ASP A 57 1.33 -10.22 -7.56
N ALA A 58 2.24 -9.90 -8.48
CA ALA A 58 2.69 -10.90 -9.45
C ALA A 58 3.41 -12.06 -8.76
N VAL A 59 4.35 -11.74 -7.85
CA VAL A 59 5.03 -12.78 -7.07
C VAL A 59 4.05 -13.54 -6.18
N ALA A 60 3.07 -12.84 -5.62
CA ALA A 60 2.07 -13.55 -4.84
C ALA A 60 1.40 -14.63 -5.68
N SER A 61 1.16 -14.35 -6.97
CA SER A 61 0.37 -15.26 -7.79
C SER A 61 1.15 -16.49 -8.17
N LEU A 62 2.41 -16.31 -8.55
CA LEU A 62 3.27 -17.43 -8.89
C LEU A 62 3.39 -18.38 -7.70
N LYS A 63 3.38 -19.67 -7.98
CA LYS A 63 3.53 -20.68 -6.94
C LYS A 63 5.01 -20.97 -6.74
N GLY A 64 5.43 -21.07 -5.48
CA GLY A 64 6.83 -21.24 -5.13
C GLY A 64 7.47 -20.02 -4.51
N ALA A 65 6.75 -18.90 -4.39
CA ALA A 65 7.22 -17.75 -3.64
C ALA A 65 6.01 -17.16 -2.93
N GLU A 66 6.09 -17.01 -1.61
CA GLU A 66 4.96 -16.52 -0.83
C GLU A 66 5.24 -15.11 -0.33
N ILE A 67 4.24 -14.24 -0.46
CA ILE A 67 4.33 -12.84 -0.07
C ILE A 67 3.31 -12.57 1.01
N SER A 68 3.73 -11.84 2.05
CA SER A 68 2.78 -11.32 3.03
C SER A 68 3.37 -10.05 3.60
N THR A 69 2.54 -9.28 4.31
CA THR A 69 2.98 -8.04 4.91
C THR A 69 2.79 -8.11 6.41
N GLU A 70 3.69 -7.48 7.15
CA GLU A 70 3.64 -7.38 8.59
C GLU A 70 3.87 -5.93 8.99
N ASP A 71 3.72 -5.66 10.28
CA ASP A 71 3.95 -4.35 10.88
C ASP A 71 3.28 -3.24 10.06
N ASN A 72 1.94 -3.34 9.99
CA ASN A 72 1.10 -2.33 9.33
C ASN A 72 1.49 -2.13 7.87
N GLY A 73 1.89 -3.22 7.21
CA GLY A 73 2.29 -3.17 5.82
C GLY A 73 3.67 -2.60 5.54
N GLU A 74 4.37 -2.11 6.57
CA GLU A 74 5.73 -1.59 6.38
C GLU A 74 6.77 -2.67 6.19
N THR A 75 6.46 -3.93 6.50
CA THR A 75 7.39 -5.03 6.27
C THR A 75 6.80 -6.00 5.27
N ILE A 76 7.55 -6.29 4.22
CA ILE A 76 7.19 -7.30 3.24
C ILE A 76 7.96 -8.56 3.55
N VAL A 77 7.24 -9.66 3.77
CA VAL A 77 7.86 -10.95 4.08
C VAL A 77 7.82 -11.82 2.84
N VAL A 78 8.98 -12.18 2.31
CA VAL A 78 9.07 -13.03 1.13
C VAL A 78 9.68 -14.35 1.54
N LYS A 79 9.00 -15.45 1.23
CA LYS A 79 9.61 -16.77 1.47
C LYS A 79 9.81 -17.44 0.12
N GLY A 80 11.07 -17.55 -0.31
CA GLY A 80 11.40 -18.26 -1.52
C GLY A 80 11.86 -19.66 -1.19
N ASN A 81 11.80 -20.53 -2.20
CA ASN A 81 12.24 -21.92 -2.04
C ASN A 81 13.44 -22.21 -2.91
N GLY A 82 14.15 -21.17 -3.35
CA GLY A 82 15.20 -21.35 -4.33
C GLY A 82 14.76 -21.27 -5.77
N GLY A 83 13.65 -20.59 -6.06
CA GLY A 83 13.33 -20.30 -7.45
C GLY A 83 12.65 -21.41 -8.21
N ASN A 84 12.00 -22.34 -7.49
CA ASN A 84 11.24 -23.41 -8.12
C ASN A 84 9.79 -22.92 -8.22
N LEU A 85 9.54 -22.17 -9.29
CA LEU A 85 8.26 -21.52 -9.51
C LEU A 85 7.40 -22.28 -10.51
N VAL A 86 6.09 -22.27 -10.29
CA VAL A 86 5.18 -22.90 -11.23
C VAL A 86 4.01 -21.95 -11.47
N THR A 87 3.37 -22.12 -12.61
CA THR A 87 2.28 -21.25 -13.06
CA THR A 87 2.33 -21.18 -12.98
C THR A 87 1.06 -21.41 -12.17
N SER A 88 0.32 -20.32 -11.97
CA SER A 88 -0.96 -20.34 -11.29
C SER A 88 -2.13 -20.36 -12.26
N GLY A 89 -1.86 -20.14 -13.55
CA GLY A 89 -2.91 -19.92 -14.52
C GLY A 89 -3.49 -18.53 -14.52
N GLU A 90 -3.12 -17.70 -13.56
CA GLU A 90 -3.60 -16.33 -13.48
C GLU A 90 -2.74 -15.45 -14.35
N GLU A 91 -3.37 -14.65 -15.20
CA GLU A 91 -2.65 -13.60 -15.92
C GLU A 91 -2.04 -12.63 -14.90
N LEU A 92 -0.79 -12.25 -15.13
CA LEU A 92 -0.12 -11.31 -14.22
C LEU A 92 -0.29 -9.91 -14.80
N TYR A 93 -1.12 -9.10 -14.12
CA TYR A 93 -1.48 -7.77 -14.60
C TYR A 93 -0.51 -6.75 -14.01
N LEU A 94 0.22 -6.06 -14.88
CA LEU A 94 1.32 -5.22 -14.46
C LEU A 94 1.05 -3.73 -14.65
N GLY A 95 -0.19 -3.33 -14.97
CA GLY A 95 -0.50 -1.92 -15.13
C GLY A 95 0.38 -1.27 -16.19
N ASN A 96 1.05 -0.18 -15.82
CA ASN A 96 2.09 0.40 -16.66
C ASN A 96 3.44 0.42 -15.94
N ALA A 97 3.70 -0.59 -15.10
CA ALA A 97 4.95 -0.66 -14.35
C ALA A 97 6.04 -1.19 -15.27
N GLY A 98 6.75 -0.29 -15.94
CA GLY A 98 7.70 -0.71 -16.96
C GLY A 98 8.80 -1.61 -16.43
N THR A 99 9.44 -1.21 -15.34
CA THR A 99 10.55 -2.01 -14.81
C THR A 99 10.07 -3.39 -14.35
N ALA A 100 8.91 -3.45 -13.69
CA ALA A 100 8.37 -4.74 -13.28
C ALA A 100 8.20 -5.68 -14.48
N SER A 101 7.70 -5.15 -15.60
CA SER A 101 7.43 -6.01 -16.75
C SER A 101 8.73 -6.53 -17.36
N ARG A 102 9.79 -5.75 -17.34
CA ARG A 102 11.06 -6.23 -17.85
C ARG A 102 11.67 -7.29 -16.93
N PHE A 103 11.65 -7.03 -15.61
CA PHE A 103 12.19 -7.99 -14.66
C PHE A 103 11.36 -9.28 -14.65
N LEU A 104 10.03 -9.14 -14.63
CA LEU A 104 9.19 -10.33 -14.53
C LEU A 104 9.15 -11.14 -15.82
N THR A 105 9.42 -10.51 -16.96
CA THR A 105 9.47 -11.28 -18.20
C THR A 105 10.55 -12.37 -18.12
N THR A 106 11.72 -12.05 -17.56
CA THR A 106 12.73 -13.11 -17.46
C THR A 106 12.40 -14.09 -16.33
N VAL A 107 11.83 -13.61 -15.23
CA VAL A 107 11.37 -14.54 -14.19
C VAL A 107 10.39 -15.53 -14.79
N ALA A 108 9.42 -15.05 -15.59
CA ALA A 108 8.44 -15.97 -16.18
C ALA A 108 9.11 -17.03 -17.05
N SER A 109 10.22 -16.69 -17.73
CA SER A 109 10.93 -17.68 -18.53
C SER A 109 11.49 -18.83 -17.69
N LEU A 110 11.53 -18.72 -16.35
CA LEU A 110 12.02 -19.80 -15.49
C LEU A 110 10.93 -20.72 -14.98
N VAL A 111 9.68 -20.37 -15.19
CA VAL A 111 8.59 -21.00 -14.47
C VAL A 111 8.28 -22.36 -15.08
N GLY A 112 7.96 -23.35 -14.23
CA GLY A 112 7.59 -24.67 -14.71
C GLY A 112 6.08 -24.82 -14.89
N LYS A 113 5.69 -25.88 -15.60
CA LYS A 113 4.29 -26.11 -15.89
C LYS A 113 3.55 -26.57 -14.64
N SER A 114 2.23 -26.41 -14.68
CA SER A 114 1.35 -26.91 -13.63
C SER A 114 0.14 -27.55 -14.30
N GLN A 115 -0.72 -28.16 -13.49
CA GLN A 115 -1.94 -28.70 -14.08
C GLN A 115 -2.90 -27.60 -14.51
N ALA A 116 -2.77 -26.40 -13.93
CA ALA A 116 -3.64 -25.30 -14.33
C ALA A 116 -3.22 -24.69 -15.67
N SER A 117 -1.91 -24.60 -15.94
CA SER A 117 -1.47 -23.91 -17.15
C SER A 117 -0.09 -24.37 -17.58
N ASP A 118 0.13 -24.37 -18.89
CA ASP A 118 1.46 -24.58 -19.44
C ASP A 118 2.16 -23.27 -19.79
N ASP A 119 1.64 -22.13 -19.34
CA ASP A 119 2.31 -20.89 -19.67
C ASP A 119 2.05 -19.83 -18.62
N VAL A 120 2.84 -18.76 -18.71
CA VAL A 120 2.65 -17.55 -17.92
C VAL A 120 2.25 -16.45 -18.88
N ILE A 121 1.18 -15.72 -18.55
CA ILE A 121 0.72 -14.58 -19.33
C ILE A 121 1.03 -13.31 -18.52
N LEU A 122 1.74 -12.38 -19.13
CA LEU A 122 1.98 -11.05 -18.58
C LEU A 122 1.19 -10.02 -19.36
N THR A 123 0.41 -9.20 -18.65
CA THR A 123 -0.42 -8.18 -19.28
C THR A 123 -0.18 -6.81 -18.62
N GLY A 124 -0.81 -5.81 -19.21
CA GLY A 124 -0.86 -4.48 -18.62
C GLY A 124 -1.91 -3.64 -19.32
N ASN A 125 -1.91 -2.35 -19.00
CA ASN A 125 -2.92 -1.45 -19.54
C ASN A 125 -2.52 -1.01 -20.94
N ALA A 126 -3.24 -0.04 -21.50
CA ALA A 126 -3.01 0.38 -22.88
C ALA A 126 -1.60 0.96 -23.06
N ARG A 127 -1.07 1.67 -22.05
CA ARG A 127 0.27 2.22 -22.16
C ARG A 127 1.33 1.12 -22.12
N MET A 128 1.15 0.14 -21.23
CA MET A 128 1.96 -1.08 -21.29
C MET A 128 1.99 -1.67 -22.68
N GLN A 129 0.83 -1.76 -23.35
CA GLN A 129 0.76 -2.49 -24.61
C GLN A 129 1.32 -1.72 -25.78
N GLU A 130 1.87 -0.52 -25.53
CA GLU A 130 2.68 0.21 -26.49
C GLU A 130 4.16 0.26 -26.12
N ARG A 131 4.53 -0.21 -24.92
CA ARG A 131 5.95 -0.18 -24.51
C ARG A 131 6.74 -1.23 -25.29
N PRO A 132 7.84 -0.86 -25.95
CA PRO A 132 8.67 -1.88 -26.60
C PRO A 132 9.42 -2.72 -25.59
N ILE A 133 9.48 -4.03 -25.84
CA ILE A 133 10.19 -5.00 -25.00
C ILE A 133 10.95 -6.00 -25.86
N GLY A 134 10.97 -5.75 -27.17
CA GLY A 134 11.60 -6.63 -28.14
C GLY A 134 13.02 -7.10 -27.85
N PRO A 135 13.92 -6.21 -27.43
CA PRO A 135 15.33 -6.64 -27.26
C PRO A 135 15.49 -7.68 -26.18
N LEU A 136 14.64 -7.64 -25.15
CA LEU A 136 14.66 -8.67 -24.13
C LEU A 136 14.02 -9.97 -24.65
N VAL A 137 12.88 -9.87 -25.33
CA VAL A 137 12.24 -11.06 -25.87
C VAL A 137 13.17 -11.76 -26.85
N ASP A 138 13.90 -10.99 -27.68
CA ASP A 138 14.81 -11.58 -28.66
C ASP A 138 15.91 -12.39 -27.97
N ALA A 139 16.47 -11.85 -26.88
CA ALA A 139 17.57 -12.53 -26.22
C ALA A 139 17.11 -13.79 -25.48
N LEU A 140 15.90 -13.76 -24.91
CA LEU A 140 15.38 -14.95 -24.22
C LEU A 140 14.98 -16.04 -25.22
N ARG A 141 14.32 -15.66 -26.31
CA ARG A 141 14.05 -16.63 -27.38
C ARG A 141 15.34 -17.26 -27.87
N SER A 142 16.39 -16.43 -28.06
CA SER A 142 17.67 -16.96 -28.52
C SER A 142 18.28 -17.96 -27.55
N ASN A 143 17.88 -17.92 -26.28
CA ASN A 143 18.38 -18.82 -25.23
C ASN A 143 17.40 -19.93 -24.91
N GLY A 144 16.41 -20.18 -25.79
CA GLY A 144 15.50 -21.31 -25.67
C GLY A 144 14.11 -20.97 -25.18
N SER A 145 13.83 -19.72 -24.83
CA SER A 145 12.47 -19.37 -24.38
C SER A 145 11.51 -19.36 -25.56
N GLU A 146 10.27 -19.71 -25.28
CA GLU A 146 9.17 -19.61 -26.24
C GLU A 146 8.22 -18.51 -25.76
N ILE A 147 8.19 -17.40 -26.50
CA ILE A 147 7.46 -16.22 -26.11
C ILE A 147 6.62 -15.76 -27.31
N GLU A 148 5.32 -15.54 -27.07
CA GLU A 148 4.38 -15.07 -28.07
C GLU A 148 3.84 -13.70 -27.69
N TYR A 149 3.89 -12.76 -28.63
CA TYR A 149 3.17 -11.49 -28.47
C TYR A 149 1.70 -11.76 -28.71
N LEU A 150 0.86 -11.47 -27.71
CA LEU A 150 -0.56 -11.78 -27.80
C LEU A 150 -1.39 -10.69 -28.47
N ASN A 151 -0.83 -9.51 -28.61
CA ASN A 151 -1.54 -8.40 -29.24
C ASN A 151 -0.63 -7.80 -30.28
N LYS A 152 -0.03 -6.67 -29.98
CA LYS A 152 0.89 -6.05 -30.91
C LYS A 152 2.29 -6.67 -30.80
N GLN A 153 2.90 -6.88 -31.96
CA GLN A 153 4.28 -7.34 -31.98
C GLN A 153 5.19 -6.35 -31.28
N GLY A 154 6.04 -6.87 -30.40
CA GLY A 154 7.05 -6.11 -29.70
C GLY A 154 6.68 -5.53 -28.36
N SER A 155 5.49 -5.82 -27.83
CA SER A 155 5.09 -5.35 -26.51
C SER A 155 4.33 -6.44 -25.77
N LEU A 156 4.21 -6.26 -24.44
CA LEU A 156 3.17 -6.96 -23.69
C LEU A 156 1.81 -6.72 -24.37
N PRO A 157 0.88 -7.66 -24.26
CA PRO A 157 0.89 -8.92 -23.51
C PRO A 157 1.85 -9.99 -24.08
N LEU A 158 2.41 -10.80 -23.19
CA LEU A 158 3.29 -11.91 -23.54
C LEU A 158 2.70 -13.20 -23.01
N LYS A 159 2.82 -14.26 -23.80
CA LYS A 159 2.59 -15.61 -23.31
C LYS A 159 3.93 -16.33 -23.35
N ILE A 160 4.41 -16.71 -22.18
CA ILE A 160 5.71 -17.35 -22.05
C ILE A 160 5.48 -18.80 -21.68
N SER A 161 5.93 -19.70 -22.54
CA SER A 161 5.73 -21.12 -22.32
C SER A 161 6.49 -21.55 -21.07
N ALA A 162 5.81 -22.31 -20.22
CA ALA A 162 6.43 -22.78 -19.00
C ALA A 162 7.09 -24.14 -19.25
N GLY A 163 7.99 -24.51 -18.34
CA GLY A 163 8.65 -25.80 -18.40
C GLY A 163 9.90 -25.87 -19.25
N ASN A 164 10.34 -24.73 -19.78
CA ASN A 164 11.50 -24.67 -20.67
C ASN A 164 12.75 -24.17 -19.95
N GLY A 165 12.62 -23.13 -19.14
CA GLY A 165 13.81 -22.60 -18.51
C GLY A 165 14.70 -21.91 -19.54
N LEU A 166 15.88 -21.52 -19.07
CA LEU A 166 16.88 -20.87 -19.91
C LEU A 166 18.07 -21.80 -20.08
N LYS A 167 18.53 -21.96 -21.33
CA LYS A 167 19.69 -22.77 -21.61
C LYS A 167 20.95 -22.24 -20.93
N GLY A 168 21.09 -20.92 -20.79
CA GLY A 168 22.33 -20.38 -20.25
C GLY A 168 23.40 -20.30 -21.32
N GLY A 169 24.65 -20.37 -20.90
CA GLY A 169 25.71 -20.18 -21.90
C GLY A 169 25.74 -18.72 -22.33
N ARG A 170 26.24 -18.48 -23.53
CA ARG A 170 26.37 -17.11 -24.00
C ARG A 170 25.03 -16.54 -24.43
N ILE A 171 24.68 -15.37 -23.88
CA ILE A 171 23.54 -14.58 -24.29
C ILE A 171 24.04 -13.22 -24.74
N GLU A 172 23.66 -12.82 -25.94
CA GLU A 172 24.04 -11.53 -26.49
C GLU A 172 22.88 -10.55 -26.37
N LEU A 173 23.22 -9.30 -26.08
CA LEU A 173 22.25 -8.26 -25.77
C LEU A 173 22.80 -6.94 -26.27
N ALA A 174 22.03 -6.21 -27.08
CA ALA A 174 22.52 -4.94 -27.61
C ALA A 174 22.74 -3.94 -26.48
N ALA A 175 23.84 -3.19 -26.56
CA ALA A 175 24.23 -2.26 -25.50
C ALA A 175 23.47 -0.94 -25.57
N THR A 176 22.88 -0.62 -26.72
CA THR A 176 22.17 0.65 -26.85
C THR A 176 20.86 0.67 -26.06
N ILE A 177 20.29 -0.50 -25.76
CA ILE A 177 18.95 -0.59 -25.16
C ILE A 177 19.03 -0.31 -23.66
N SER A 178 17.87 -0.21 -23.03
CA SER A 178 17.79 0.05 -21.59
C SER A 178 18.69 -0.90 -20.80
N SER A 179 19.39 -0.34 -19.81
CA SER A 179 20.09 -1.20 -18.86
C SER A 179 19.13 -2.13 -18.13
N GLN A 180 17.83 -1.84 -18.13
CA GLN A 180 16.90 -2.70 -17.39
C GLN A 180 16.78 -4.07 -18.02
N TYR A 181 17.04 -4.19 -19.32
CA TYR A 181 17.11 -5.50 -19.95
C TYR A 181 18.32 -6.29 -19.44
N VAL A 182 19.48 -5.63 -19.33
CA VAL A 182 20.66 -6.30 -18.77
C VAL A 182 20.39 -6.76 -17.35
N SER A 183 19.94 -5.83 -16.50
CA SER A 183 19.60 -6.20 -15.13
C SER A 183 18.60 -7.35 -15.07
N SER A 184 17.57 -7.33 -15.92
CA SER A 184 16.56 -8.39 -15.84
C SER A 184 17.20 -9.75 -16.09
N ILE A 185 18.10 -9.85 -17.07
CA ILE A 185 18.74 -11.12 -17.36
C ILE A 185 19.73 -11.50 -16.26
N LEU A 186 20.49 -10.52 -15.75
CA LEU A 186 21.48 -10.83 -14.71
C LEU A 186 20.84 -11.56 -13.53
N MET A 187 19.70 -11.03 -13.05
CA MET A 187 19.10 -11.54 -11.83
C MET A 187 18.57 -12.96 -12.00
N CYS A 188 18.14 -13.34 -13.20
CA CYS A 188 17.67 -14.70 -13.44
C CYS A 188 18.78 -15.62 -13.95
N ALA A 189 19.92 -15.07 -14.38
CA ALA A 189 20.98 -15.89 -14.95
C ALA A 189 21.42 -17.06 -14.08
N PRO A 190 21.53 -16.95 -12.74
CA PRO A 190 21.99 -18.11 -11.95
C PRO A 190 21.12 -19.34 -12.11
N TYR A 191 19.87 -19.16 -12.55
CA TYR A 191 18.89 -20.23 -12.66
C TYR A 191 18.83 -20.85 -14.06
N ALA A 192 19.65 -20.37 -14.98
CA ALA A 192 19.83 -21.05 -16.25
C ALA A 192 20.49 -22.41 -16.06
N LYS A 193 20.28 -23.30 -17.04
CA LYS A 193 20.90 -24.63 -16.98
C LYS A 193 22.41 -24.52 -16.92
N GLU A 194 23.00 -23.71 -17.79
CA GLU A 194 24.44 -23.56 -17.88
C GLU A 194 24.84 -22.16 -17.42
N PRO A 195 25.98 -21.99 -16.75
CA PRO A 195 26.42 -20.66 -16.34
C PRO A 195 26.38 -19.68 -17.51
N VAL A 196 25.98 -18.46 -17.22
CA VAL A 196 25.66 -17.50 -18.27
C VAL A 196 26.86 -16.60 -18.52
N THR A 197 27.16 -16.37 -19.80
CA THR A 197 28.02 -15.29 -20.22
C THR A 197 27.12 -14.27 -20.91
N LEU A 198 26.88 -13.14 -20.24
CA LEU A 198 26.06 -12.06 -20.75
C LEU A 198 26.95 -11.01 -21.39
N ALA A 199 26.97 -10.99 -22.73
CA ALA A 199 27.83 -10.11 -23.51
C ALA A 199 26.97 -9.02 -24.16
N LEU A 200 27.16 -7.79 -23.70
CA LEU A 200 26.59 -6.64 -24.39
C LEU A 200 27.38 -6.33 -25.65
N VAL A 201 26.66 -6.17 -26.77
CA VAL A 201 27.28 -5.88 -28.06
C VAL A 201 26.70 -4.58 -28.60
N GLY A 202 27.37 -4.04 -29.61
CA GLY A 202 26.89 -2.86 -30.31
C GLY A 202 27.26 -1.54 -29.68
N GLY A 203 28.19 -1.51 -28.73
CA GLY A 203 28.68 -0.27 -28.18
C GLY A 203 28.73 -0.34 -26.67
N LYS A 204 28.75 0.86 -26.03
CA LYS A 204 28.78 0.98 -24.57
C LYS A 204 27.38 1.25 -24.04
N PRO A 205 26.94 0.54 -23.00
CA PRO A 205 25.66 0.89 -22.38
C PRO A 205 25.77 2.19 -21.59
N ILE A 206 24.66 2.91 -21.54
CA ILE A 206 24.69 4.26 -20.98
C ILE A 206 24.48 4.23 -19.46
N SER A 207 23.56 3.40 -18.96
CA SER A 207 23.22 3.35 -17.54
C SER A 207 24.02 2.28 -16.80
N GLN A 208 25.35 2.31 -16.95
CA GLN A 208 26.20 1.28 -16.37
C GLN A 208 26.07 1.21 -14.84
N LEU A 209 25.84 2.34 -14.19
CA LEU A 209 25.76 2.33 -12.74
C LEU A 209 24.61 1.45 -12.24
N TYR A 210 23.55 1.32 -13.04
CA TYR A 210 22.45 0.47 -12.61
C TYR A 210 22.72 -1.00 -12.86
N ILE A 211 23.52 -1.32 -13.87
CA ILE A 211 24.00 -2.69 -14.00
C ILE A 211 24.84 -3.05 -12.79
N ASP A 212 25.74 -2.15 -12.39
CA ASP A 212 26.60 -2.42 -11.23
C ASP A 212 25.78 -2.60 -9.97
N MET A 213 24.68 -1.84 -9.82
CA MET A 213 23.84 -1.99 -8.64
C MET A 213 23.20 -3.37 -8.60
N THR A 214 22.75 -3.88 -9.75
CA THR A 214 22.21 -5.23 -9.79
C THR A 214 23.25 -6.25 -9.34
N CYS A 215 24.49 -6.10 -9.83
CA CYS A 215 25.54 -7.07 -9.50
C CYS A 215 25.83 -7.07 -8.00
N ALA A 216 25.91 -5.88 -7.40
CA ALA A 216 26.21 -5.77 -5.98
C ALA A 216 25.08 -6.35 -5.15
N MET A 217 23.83 -6.11 -5.56
CA MET A 217 22.69 -6.71 -4.85
C MET A 217 22.70 -8.21 -4.97
N MET A 218 23.08 -8.71 -6.15
CA MET A 218 23.20 -10.16 -6.34
C MET A 218 24.23 -10.72 -5.36
N LYS A 219 25.33 -9.99 -5.16
CA LYS A 219 26.35 -10.43 -4.21
C LYS A 219 25.80 -10.48 -2.80
N SER A 220 24.99 -9.49 -2.42
CA SER A 220 24.36 -9.52 -1.09
C SER A 220 23.50 -10.76 -0.93
N PHE A 221 22.92 -11.24 -2.01
CA PHE A 221 22.09 -12.43 -1.99
C PHE A 221 22.87 -13.70 -2.35
N GLY A 222 24.20 -13.66 -2.34
CA GLY A 222 25.01 -14.85 -2.40
C GLY A 222 25.61 -15.23 -3.74
N ILE A 223 25.50 -14.37 -4.76
CA ILE A 223 25.94 -14.71 -6.11
C ILE A 223 26.85 -13.59 -6.59
N GLU A 224 28.13 -13.88 -6.78
CA GLU A 224 29.08 -12.87 -7.24
C GLU A 224 29.27 -12.98 -8.76
N VAL A 225 28.87 -11.93 -9.46
CA VAL A 225 29.16 -11.77 -10.91
C VAL A 225 30.62 -11.38 -11.12
N THR A 226 31.21 -11.84 -12.22
CA THR A 226 32.55 -11.38 -12.56
C THR A 226 32.55 -10.85 -13.99
N LYS A 227 33.33 -9.80 -14.18
CA LYS A 227 33.49 -9.16 -15.45
C LYS A 227 34.54 -9.85 -16.24
N SER A 228 34.39 -9.78 -17.54
CA SER A 228 35.36 -10.33 -18.44
C SER A 228 36.72 -9.66 -18.34
N THR A 229 37.73 -10.39 -18.73
CA THR A 229 39.12 -9.92 -18.71
C THR A 229 39.41 -9.05 -19.93
N THR A 230 38.64 -9.21 -21.00
CA THR A 230 38.89 -8.54 -22.26
C THR A 230 37.69 -7.74 -22.75
N GLU A 231 36.57 -7.78 -22.03
CA GLU A 231 35.35 -7.09 -22.43
C GLU A 231 34.78 -6.40 -21.21
N GLU A 232 34.77 -5.06 -21.22
CA GLU A 232 34.20 -4.33 -20.09
C GLU A 232 32.73 -4.69 -19.83
N TYR A 233 31.99 -5.05 -20.87
CA TYR A 233 30.55 -5.23 -20.78
C TYR A 233 30.14 -6.65 -21.07
N THR A 234 30.99 -7.61 -20.70
CA THR A 234 30.63 -9.02 -20.67
C THR A 234 30.70 -9.48 -19.22
N TYR A 235 29.64 -10.15 -18.77
CA TYR A 235 29.47 -10.53 -17.38
C TYR A 235 29.37 -12.05 -17.29
N HIS A 236 30.09 -12.64 -16.35
CA HIS A 236 30.05 -14.08 -16.12
C HIS A 236 29.31 -14.34 -14.81
N ILE A 237 28.20 -15.07 -14.89
CA ILE A 237 27.33 -15.30 -13.74
C ILE A 237 27.38 -16.78 -13.40
N PRO A 238 27.73 -17.16 -12.19
CA PRO A 238 27.73 -18.59 -11.85
C PRO A 238 26.31 -19.11 -11.86
N LYS A 239 26.18 -20.42 -12.00
CA LYS A 239 24.90 -21.07 -11.76
C LYS A 239 24.74 -21.32 -10.27
N GLY A 240 23.59 -20.98 -9.72
CA GLY A 240 23.38 -21.17 -8.30
C GLY A 240 22.01 -20.69 -7.89
N THR A 241 21.84 -20.58 -6.57
CA THR A 241 20.60 -20.15 -5.96
C THR A 241 20.91 -19.05 -4.99
N TYR A 242 20.12 -17.98 -5.01
CA TYR A 242 20.33 -16.94 -4.02
C TYR A 242 20.04 -17.50 -2.65
N LYS A 243 20.84 -17.10 -1.67
CA LYS A 243 20.54 -17.35 -0.25
C LYS A 243 19.88 -16.09 0.32
N ASN A 244 18.62 -16.19 0.70
CA ASN A 244 17.93 -15.01 1.20
C ASN A 244 18.40 -14.67 2.60
N PRO A 245 18.84 -13.44 2.87
CA PRO A 245 19.19 -13.07 4.24
C PRO A 245 17.94 -12.99 5.10
N SER A 246 18.13 -13.06 6.41
CA SER A 246 16.98 -13.04 7.32
C SER A 246 16.24 -11.72 7.20
N GLU A 247 16.98 -10.63 6.97
CA GLU A 247 16.42 -9.31 6.79
C GLU A 247 17.15 -8.65 5.63
N TYR A 248 16.43 -7.85 4.85
CA TYR A 248 17.08 -7.01 3.86
C TYR A 248 16.43 -5.64 3.92
N VAL A 249 17.23 -4.61 4.17
CA VAL A 249 16.73 -3.26 4.30
C VAL A 249 17.00 -2.53 2.99
N ILE A 250 16.06 -2.00 2.41
CA ILE A 250 16.11 -1.17 1.21
C ILE A 250 16.73 0.17 1.58
N GLU A 251 17.75 0.56 0.93
CA GLU A 251 18.32 1.87 1.25
C GLU A 251 17.30 2.95 1.00
N SER A 252 17.22 3.92 1.90
CA SER A 252 16.50 5.14 1.56
C SER A 252 17.13 5.78 0.33
N ASP A 253 16.33 6.58 -0.33
CA ASP A 253 16.69 7.16 -1.61
C ASP A 253 17.74 8.27 -1.41
N ALA A 254 18.95 8.04 -1.92
CA ALA A 254 20.02 9.03 -1.74
C ALA A 254 19.87 10.24 -2.64
N SER A 255 19.17 10.12 -3.76
CA SER A 255 18.90 11.31 -4.57
C SER A 255 17.96 12.25 -3.83
N SER A 256 16.86 11.71 -3.31
CA SER A 256 15.96 12.53 -2.49
C SER A 256 16.69 13.09 -1.29
N ALA A 257 17.65 12.34 -0.77
CA ALA A 257 18.43 12.82 0.36
C ALA A 257 19.15 14.12 0.02
N THR A 258 19.44 14.37 -1.26
CA THR A 258 20.23 15.57 -1.59
C THR A 258 19.46 16.84 -1.30
N TYR A 259 18.12 16.81 -1.30
CA TYR A 259 17.36 18.05 -1.13
C TYR A 259 17.42 18.57 0.31
N PRO A 260 17.14 17.76 1.35
CA PRO A 260 17.37 18.25 2.72
C PRO A 260 18.83 18.53 3.03
N LEU A 261 19.77 17.75 2.47
CA LEU A 261 21.18 18.08 2.68
C LEU A 261 21.51 19.44 2.09
N ALA A 262 21.02 19.72 0.88
CA ALA A 262 21.24 21.02 0.28
C ALA A 262 20.54 22.13 1.07
N PHE A 263 19.38 21.84 1.66
CA PHE A 263 18.72 22.81 2.54
C PHE A 263 19.66 23.23 3.66
N ALA A 264 20.25 22.26 4.36
CA ALA A 264 21.19 22.56 5.44
C ALA A 264 22.36 23.40 4.91
N ALA A 265 22.94 22.99 3.78
CA ALA A 265 24.05 23.70 3.18
C ALA A 265 23.71 25.17 2.94
N MET A 266 22.49 25.41 2.48
CA MET A 266 22.08 26.66 1.90
C MET A 266 21.55 27.64 2.95
N THR A 267 21.08 27.12 4.08
CA THR A 267 20.53 27.90 5.19
C THR A 267 21.46 28.03 6.38
N GLY A 268 22.63 27.40 6.35
CA GLY A 268 23.49 27.41 7.52
C GLY A 268 22.88 26.66 8.67
N THR A 269 22.23 25.53 8.42
CA THR A 269 21.66 24.68 9.44
C THR A 269 22.26 23.29 9.29
N SER A 270 21.77 22.36 10.10
CA SER A 270 22.30 21.02 10.11
C SER A 270 21.23 20.03 9.71
N CYS A 271 21.61 19.10 8.84
CA CYS A 271 20.72 18.00 8.47
C CYS A 271 21.50 16.70 8.57
N THR A 272 20.92 15.70 9.23
CA THR A 272 21.47 14.36 9.29
C THR A 272 20.53 13.42 8.57
N ILE A 273 21.05 12.63 7.64
CA ILE A 273 20.33 11.45 7.15
C ILE A 273 20.85 10.24 7.92
N PRO A 274 20.08 9.69 8.86
CA PRO A 274 20.65 8.74 9.82
C PRO A 274 20.90 7.34 9.27
N ASN A 275 20.53 7.07 8.00
CA ASN A 275 20.67 5.72 7.45
C ASN A 275 21.28 5.69 6.04
N ILE A 276 21.90 6.77 5.59
CA ILE A 276 22.61 6.78 4.31
C ILE A 276 24.03 7.25 4.56
N GLY A 277 25.00 6.40 4.23
CA GLY A 277 26.39 6.77 4.35
C GLY A 277 27.28 6.30 3.21
N SER A 278 28.55 6.06 3.50
CA SER A 278 29.53 5.87 2.44
C SER A 278 29.45 4.50 1.77
N SER A 279 28.81 3.52 2.40
CA SER A 279 28.72 2.18 1.83
C SER A 279 27.46 2.00 0.98
N SER A 280 26.81 3.10 0.62
CA SER A 280 25.57 3.07 -0.15
C SER A 280 25.78 2.49 -1.54
N LEU A 281 24.78 1.75 -2.03
CA LEU A 281 24.73 1.31 -3.41
C LEU A 281 24.57 2.47 -4.39
N GLN A 282 24.24 3.67 -3.91
CA GLN A 282 23.81 4.77 -4.76
C GLN A 282 24.89 5.83 -4.85
N GLY A 283 25.33 6.12 -6.07
CA GLY A 283 26.28 7.20 -6.29
C GLY A 283 25.91 8.50 -5.61
N ASP A 284 24.61 8.82 -5.55
CA ASP A 284 24.20 10.12 -5.03
C ASP A 284 24.54 10.29 -3.56
N ALA A 285 24.80 9.18 -2.85
CA ALA A 285 25.29 9.27 -1.48
C ALA A 285 26.60 10.07 -1.38
N LYS A 286 27.34 10.20 -2.48
CA LYS A 286 28.58 10.98 -2.46
C LYS A 286 28.34 12.48 -2.54
N PHE A 287 27.10 12.92 -2.73
CA PHE A 287 26.80 14.35 -2.90
C PHE A 287 27.37 15.18 -1.75
N ALA A 288 27.17 14.73 -0.51
CA ALA A 288 27.59 15.51 0.64
C ALA A 288 29.10 15.69 0.68
N VAL A 289 29.85 14.64 0.37
CA VAL A 289 31.30 14.71 0.52
C VAL A 289 31.96 15.30 -0.71
N ASP A 290 31.44 15.02 -1.91
CA ASP A 290 32.05 15.46 -3.16
C ASP A 290 31.49 16.77 -3.70
N VAL A 291 30.35 17.23 -3.20
CA VAL A 291 29.85 18.54 -3.60
C VAL A 291 29.76 19.48 -2.41
N LEU A 292 28.97 19.12 -1.40
CA LEU A 292 28.67 20.08 -0.34
C LEU A 292 29.90 20.38 0.51
N LYS A 293 30.72 19.36 0.80
CA LYS A 293 31.95 19.57 1.57
C LYS A 293 32.90 20.57 0.92
N PRO A 294 33.37 20.36 -0.33
CA PRO A 294 34.24 21.39 -0.95
C PRO A 294 33.61 22.75 -1.03
N MET A 295 32.29 22.85 -0.95
CA MET A 295 31.62 24.14 -1.03
C MET A 295 31.48 24.80 0.33
N GLY A 296 32.23 24.34 1.34
CA GLY A 296 32.31 24.98 2.63
C GLY A 296 31.48 24.37 3.74
N CYS A 297 30.80 23.25 3.48
CA CYS A 297 30.00 22.60 4.51
C CYS A 297 30.88 21.75 5.43
N LYS A 298 30.55 21.76 6.71
CA LYS A 298 31.13 20.81 7.65
C LYS A 298 30.37 19.49 7.52
N VAL A 299 31.07 18.43 7.09
CA VAL A 299 30.39 17.18 6.76
C VAL A 299 31.04 16.03 7.52
N GLU A 300 30.21 15.19 8.14
CA GLU A 300 30.60 13.92 8.71
C GLU A 300 29.79 12.83 8.04
N GLN A 301 30.46 11.75 7.65
CA GLN A 301 29.77 10.62 7.04
C GLN A 301 30.40 9.33 7.54
N THR A 302 29.59 8.47 8.14
CA THR A 302 30.01 7.14 8.50
C THR A 302 29.56 6.20 7.38
N THR A 303 29.69 4.89 7.58
CA THR A 303 29.26 3.95 6.54
C THR A 303 27.75 3.99 6.32
N THR A 304 26.98 4.45 7.31
CA THR A 304 25.52 4.40 7.24
C THR A 304 24.84 5.70 7.66
N SER A 305 25.58 6.78 7.87
CA SER A 305 24.92 8.02 8.25
C SER A 305 25.68 9.20 7.66
N THR A 306 24.97 10.30 7.44
CA THR A 306 25.51 11.50 6.80
C THR A 306 24.96 12.72 7.51
N THR A 307 25.84 13.62 7.94
CA THR A 307 25.45 14.87 8.58
C THR A 307 26.09 16.04 7.84
N VAL A 308 25.28 17.06 7.53
CA VAL A 308 25.76 18.22 6.78
C VAL A 308 25.34 19.47 7.54
N THR A 309 26.31 20.34 7.83
CA THR A 309 26.03 21.65 8.40
C THR A 309 26.62 22.71 7.48
N GLY A 310 25.75 23.54 6.92
CA GLY A 310 26.19 24.58 6.03
C GLY A 310 27.00 25.63 6.73
N PRO A 311 27.77 26.39 5.95
CA PRO A 311 28.39 27.59 6.48
C PRO A 311 27.34 28.65 6.71
N PRO A 312 27.68 29.76 7.37
CA PRO A 312 26.70 30.85 7.53
C PRO A 312 26.09 31.24 6.19
N ARG A 313 24.83 31.65 6.24
CA ARG A 313 24.09 32.05 5.04
C ARG A 313 24.93 33.02 4.23
N GLY A 314 25.07 32.72 2.93
CA GLY A 314 25.80 33.56 2.01
C GLY A 314 27.25 33.22 1.83
N HIS A 315 27.72 32.29 2.64
CA HIS A 315 29.10 31.89 2.68
C HIS A 315 29.52 30.63 2.00
N LEU A 316 28.67 30.02 1.18
CA LEU A 316 29.05 28.87 0.40
C LEU A 316 30.16 29.25 -0.59
N LYS A 317 31.03 28.29 -0.88
CA LYS A 317 32.14 28.51 -1.79
C LYS A 317 31.88 27.82 -3.11
N PRO A 318 32.19 28.49 -4.22
CA PRO A 318 32.05 27.86 -5.53
C PRO A 318 32.96 26.65 -5.64
N LEU A 319 32.48 25.64 -6.38
CA LEU A 319 33.24 24.43 -6.63
C LEU A 319 33.76 24.49 -8.05
N PRO A 320 35.02 24.91 -8.29
CA PRO A 320 35.44 25.24 -9.67
C PRO A 320 35.13 24.17 -10.68
N HIS A 321 35.35 22.90 -10.37
CA HIS A 321 34.95 21.85 -11.29
C HIS A 321 34.64 20.58 -10.52
N VAL A 322 33.52 19.97 -10.86
CA VAL A 322 33.16 18.67 -10.31
C VAL A 322 32.59 17.82 -11.44
N ASP A 323 33.09 16.59 -11.55
CA ASP A 323 32.56 15.60 -12.48
C ASP A 323 31.45 14.85 -11.76
N MET A 324 30.21 14.99 -12.23
CA MET A 324 29.06 14.42 -11.53
C MET A 324 28.52 13.19 -12.25
N GLU A 325 29.33 12.54 -13.09
CA GLU A 325 28.96 11.26 -13.68
C GLU A 325 28.56 10.20 -12.66
N PRO A 326 29.23 10.02 -11.52
CA PRO A 326 28.76 9.02 -10.55
C PRO A 326 27.46 9.36 -9.87
N MET A 327 26.88 10.53 -10.15
CA MET A 327 25.68 11.00 -9.45
C MET A 327 24.97 12.09 -10.23
N THR A 328 24.53 11.76 -11.45
CA THR A 328 24.01 12.80 -12.34
C THR A 328 22.69 13.37 -11.84
N ASP A 329 21.86 12.60 -11.14
CA ASP A 329 20.59 13.15 -10.68
C ASP A 329 20.79 14.27 -9.68
N ALA A 330 21.90 14.26 -8.96
CA ALA A 330 22.18 15.26 -7.96
C ALA A 330 22.69 16.58 -8.56
N PHE A 331 22.86 16.66 -9.89
CA PHE A 331 23.39 17.90 -10.44
C PHE A 331 22.38 19.03 -10.31
N LEU A 332 21.07 18.72 -10.38
CA LEU A 332 20.12 19.81 -10.19
C LEU A 332 20.27 20.41 -8.79
N THR A 333 20.50 19.56 -7.79
CA THR A 333 20.68 20.06 -6.43
C THR A 333 21.99 20.83 -6.30
N ALA A 334 23.06 20.32 -6.92
CA ALA A 334 24.33 21.03 -6.92
C ALA A 334 24.18 22.41 -7.54
N SER A 335 23.33 22.52 -8.57
CA SER A 335 23.18 23.76 -9.32
C SER A 335 22.56 24.86 -8.46
N VAL A 336 21.54 24.54 -7.65
CA VAL A 336 20.93 25.59 -6.84
C VAL A 336 21.79 25.93 -5.62
N VAL A 337 22.55 24.97 -5.10
CA VAL A 337 23.56 25.32 -4.08
C VAL A 337 24.60 26.28 -4.69
N ALA A 338 25.11 25.93 -5.87
CA ALA A 338 26.08 26.79 -6.56
C ALA A 338 25.54 28.17 -6.85
N ALA A 339 24.22 28.29 -7.03
CA ALA A 339 23.64 29.58 -7.40
C ALA A 339 23.91 30.66 -6.36
N VAL A 340 24.10 30.26 -5.10
CA VAL A 340 24.34 31.24 -4.04
C VAL A 340 25.76 31.12 -3.47
N ALA A 341 26.68 30.48 -4.20
CA ALA A 341 28.10 30.48 -3.84
C ALA A 341 28.80 31.57 -4.65
N LYS A 342 29.03 32.72 -4.02
CA LYS A 342 29.48 33.91 -4.72
C LYS A 342 30.91 33.76 -5.21
N GLY A 343 31.12 34.00 -6.51
CA GLY A 343 32.44 33.96 -7.10
C GLY A 343 32.84 35.33 -7.64
N GLY A 344 34.11 35.46 -8.01
CA GLY A 344 35.10 34.39 -7.92
C GLY A 344 35.03 33.43 -9.09
N SER A 345 35.38 32.17 -8.85
CA SER A 345 35.18 31.19 -9.89
C SER A 345 33.70 30.81 -9.96
N SER A 346 33.27 30.41 -11.15
CA SER A 346 32.00 29.74 -11.33
C SER A 346 32.07 28.33 -10.79
N THR A 347 30.90 27.69 -10.64
CA THR A 347 30.84 26.26 -10.41
C THR A 347 30.55 25.56 -11.73
N SER A 348 31.47 24.71 -12.16
CA SER A 348 31.32 23.96 -13.41
C SER A 348 31.07 22.49 -13.10
N ILE A 349 29.96 21.97 -13.60
CA ILE A 349 29.56 20.58 -13.43
C ILE A 349 29.60 19.92 -14.80
N THR A 350 30.38 18.85 -14.94
CA THR A 350 30.42 18.08 -16.18
C THR A 350 30.05 16.63 -15.90
N GLY A 351 29.97 15.85 -16.98
CA GLY A 351 29.63 14.45 -16.87
C GLY A 351 28.16 14.17 -16.81
N ILE A 352 27.31 15.13 -17.21
CA ILE A 352 25.88 15.02 -17.01
C ILE A 352 25.12 15.19 -18.32
N ALA A 353 25.75 14.85 -19.44
CA ALA A 353 25.08 14.93 -20.73
C ALA A 353 23.84 14.04 -20.77
N ASN A 354 23.91 12.88 -20.12
CA ASN A 354 22.75 11.97 -20.06
C ASN A 354 21.56 12.62 -19.35
N GLN A 355 21.78 13.70 -18.62
CA GLN A 355 20.70 14.39 -17.94
C GLN A 355 19.97 15.36 -18.86
N ARG A 356 20.43 15.50 -20.10
CA ARG A 356 19.78 16.39 -21.06
C ARG A 356 18.59 15.75 -21.74
N VAL A 357 18.33 14.45 -21.51
CA VAL A 357 17.25 13.74 -22.16
C VAL A 357 16.32 13.10 -21.14
N LYS A 358 15.89 13.89 -20.16
CA LYS A 358 14.97 13.36 -19.16
C LYS A 358 13.67 14.12 -19.39
N GLU A 359 12.74 14.09 -18.43
CA GLU A 359 11.41 14.64 -18.66
C GLU A 359 11.50 15.90 -19.50
N CYS A 360 12.35 16.84 -19.08
CA CYS A 360 12.73 18.02 -19.83
C CYS A 360 14.22 17.97 -20.10
N ASN A 361 14.71 18.96 -20.85
CA ASN A 361 16.14 19.21 -20.90
C ASN A 361 16.51 19.89 -19.58
N ARG A 362 17.05 19.11 -18.63
CA ARG A 362 17.26 19.66 -17.30
C ARG A 362 18.40 20.67 -17.28
N ILE A 363 19.41 20.49 -18.12
CA ILE A 363 20.48 21.50 -18.18
C ILE A 363 19.91 22.82 -18.71
N GLU A 364 19.16 22.74 -19.81
CA GLU A 364 18.53 23.94 -20.36
C GLU A 364 17.56 24.54 -19.36
N ALA A 365 16.74 23.70 -18.73
CA ALA A 365 15.76 24.21 -17.77
C ALA A 365 16.44 24.93 -16.62
N MET A 366 17.62 24.46 -16.21
CA MET A 366 18.26 25.00 -15.02
C MET A 366 18.81 26.38 -15.37
N VAL A 367 19.39 26.52 -16.57
CA VAL A 367 19.93 27.81 -17.00
C VAL A 367 18.82 28.84 -17.15
N THR A 368 17.71 28.46 -17.78
CA THR A 368 16.66 29.43 -18.07
C THR A 368 15.98 29.92 -16.79
N GLU A 369 15.65 29.00 -15.88
CA GLU A 369 14.98 29.44 -14.66
C GLU A 369 15.94 30.19 -13.73
N LEU A 370 17.21 29.81 -13.71
CA LEU A 370 18.18 30.54 -12.88
C LEU A 370 18.21 32.02 -13.26
N ALA A 371 18.08 32.31 -14.56
CA ALA A 371 18.04 33.70 -15.03
C ALA A 371 16.92 34.48 -14.34
N LYS A 372 15.77 33.83 -14.11
CA LYS A 372 14.65 34.51 -13.45
C LYS A 372 15.03 34.97 -12.05
N PHE A 373 15.91 34.22 -11.37
CA PHE A 373 16.40 34.60 -10.05
C PHE A 373 17.54 35.61 -10.09
N GLY A 374 17.98 36.00 -11.29
CA GLY A 374 19.17 36.82 -11.42
C GLY A 374 20.48 36.07 -11.24
N VAL A 375 20.51 34.76 -11.52
CA VAL A 375 21.71 33.96 -11.41
C VAL A 375 22.20 33.67 -12.83
N PRO A 376 23.33 34.24 -13.25
CA PRO A 376 23.88 33.89 -14.57
C PRO A 376 24.30 32.44 -14.61
N ALA A 377 24.12 31.81 -15.77
CA ALA A 377 24.50 30.43 -15.94
C ALA A 377 24.58 30.16 -17.43
N ASN A 378 25.28 29.08 -17.78
CA ASN A 378 25.37 28.77 -19.20
C ASN A 378 25.73 27.31 -19.33
N GLU A 379 25.31 26.72 -20.45
CA GLU A 379 25.64 25.33 -20.69
C GLU A 379 27.12 25.20 -21.00
N LEU A 380 27.65 24.03 -20.68
CA LEU A 380 28.96 23.58 -21.09
C LEU A 380 28.80 22.42 -22.06
N PRO A 381 29.83 22.07 -22.83
CA PRO A 381 29.66 20.96 -23.78
C PRO A 381 29.30 19.66 -23.08
N ASP A 382 29.76 19.46 -21.85
CA ASP A 382 29.47 18.26 -21.09
C ASP A 382 28.67 18.57 -19.83
N GLY A 383 28.10 19.77 -19.71
CA GLY A 383 27.35 20.10 -18.52
C GLY A 383 26.89 21.52 -18.38
N ILE A 384 27.12 22.09 -17.21
CA ILE A 384 26.56 23.39 -16.86
C ILE A 384 27.61 24.15 -16.05
N GLU A 385 27.55 25.48 -16.17
CA GLU A 385 28.43 26.39 -15.44
C GLU A 385 27.55 27.42 -14.74
N ILE A 386 27.68 27.51 -13.43
CA ILE A 386 26.82 28.38 -12.61
C ILE A 386 27.68 29.52 -12.07
N HIS A 387 27.22 30.75 -12.27
CA HIS A 387 27.96 31.93 -11.80
C HIS A 387 27.26 32.44 -10.54
N GLY A 388 27.57 31.80 -9.42
CA GLY A 388 26.86 32.07 -8.19
C GLY A 388 26.92 33.53 -7.79
N ILE A 389 25.88 33.97 -7.06
CA ILE A 389 25.74 35.36 -6.65
C ILE A 389 25.56 35.41 -5.13
N ASP A 390 25.65 36.63 -4.61
CA ASP A 390 25.23 36.94 -3.25
C ASP A 390 23.74 36.63 -3.13
N ILE A 391 23.29 36.48 -1.89
CA ILE A 391 21.90 36.10 -1.61
C ILE A 391 21.01 37.32 -1.85
N GLU A 392 21.56 38.38 -2.46
CA GLU A 392 20.79 39.40 -3.19
C GLU A 392 20.27 38.65 -4.42
N ASP A 393 19.31 37.76 -4.20
CA ASP A 393 18.48 37.16 -5.24
C ASP A 393 17.42 38.18 -5.68
N LEU A 394 16.91 38.03 -6.89
CA LEU A 394 15.93 39.00 -7.39
C LEU A 394 14.64 38.92 -6.57
N LYS A 395 14.26 40.06 -5.98
CA LYS A 395 13.10 40.09 -5.10
C LYS A 395 11.85 39.66 -5.87
N THR A 396 11.01 38.92 -5.20
CA THR A 396 9.94 38.26 -5.94
C THR A 396 8.68 39.12 -5.93
N PRO A 397 8.06 39.34 -7.10
CA PRO A 397 6.82 40.12 -7.15
C PRO A 397 5.61 39.18 -7.23
N GLU A 398 4.43 39.68 -6.86
CA GLU A 398 3.25 38.84 -6.81
C GLU A 398 2.60 38.94 -8.19
N ILE A 399 1.98 37.83 -8.62
CA ILE A 399 1.14 37.80 -9.82
C ILE A 399 1.80 38.46 -11.02
N SER A 400 3.14 38.45 -11.06
CA SER A 400 3.88 39.06 -12.17
C SER A 400 5.20 38.30 -12.32
N LYS A 401 5.12 37.16 -12.99
CA LYS A 401 6.24 36.24 -13.25
C LYS A 401 6.85 35.56 -12.02
N ARG A 402 6.19 35.67 -10.87
CA ARG A 402 6.67 35.01 -9.67
C ARG A 402 6.72 33.49 -9.88
N GLY A 403 6.33 33.04 -11.07
CA GLY A 403 6.29 31.63 -11.36
C GLY A 403 7.64 31.12 -11.83
N VAL A 404 8.14 30.09 -11.16
CA VAL A 404 9.25 29.29 -11.64
C VAL A 404 8.67 28.04 -12.25
N SER A 405 9.07 27.73 -13.48
CA SER A 405 8.52 26.57 -14.15
C SER A 405 9.34 25.34 -13.79
N SER A 406 8.64 24.24 -13.55
CA SER A 406 9.29 22.99 -13.22
C SER A 406 9.31 22.02 -14.40
N TYR A 407 8.65 22.38 -15.51
CA TYR A 407 8.69 21.61 -16.75
C TYR A 407 8.18 20.18 -16.54
N ASP A 408 7.26 19.99 -15.60
CA ASP A 408 6.71 18.69 -15.22
C ASP A 408 7.79 17.73 -14.73
N ASP A 409 9.00 18.23 -14.50
CA ASP A 409 10.11 17.40 -14.03
C ASP A 409 10.19 17.48 -12.52
N HIS A 410 10.04 16.33 -11.86
CA HIS A 410 9.97 16.29 -10.40
C HIS A 410 11.18 16.97 -9.77
N ARG A 411 12.37 16.67 -10.27
CA ARG A 411 13.58 17.17 -9.62
C ARG A 411 13.78 18.66 -9.83
N VAL A 412 13.39 19.19 -10.99
CA VAL A 412 13.57 20.62 -11.23
C VAL A 412 12.79 21.43 -10.21
N ALA A 413 11.58 21.00 -9.88
CA ALA A 413 10.75 21.74 -8.95
C ALA A 413 11.31 21.67 -7.54
N MET A 414 11.73 20.47 -7.12
CA MET A 414 12.30 20.33 -5.78
C MET A 414 13.58 21.14 -5.65
N SER A 415 14.41 21.19 -6.69
CA SER A 415 15.63 21.96 -6.63
C SER A 415 15.33 23.45 -6.46
N PHE A 416 14.42 23.98 -7.29
CA PHE A 416 14.12 25.41 -7.22
C PHE A 416 13.33 25.80 -5.98
N SER A 417 12.67 24.84 -5.33
CA SER A 417 12.04 25.18 -4.05
C SER A 417 13.09 25.57 -3.00
N LEU A 418 14.30 25.03 -3.12
CA LEU A 418 15.38 25.41 -2.21
C LEU A 418 15.81 26.85 -2.45
N LEU A 419 16.05 27.20 -3.71
CA LEU A 419 16.44 28.57 -4.03
C LEU A 419 15.34 29.55 -3.69
N ALA A 420 14.07 29.15 -3.90
CA ALA A 420 12.93 29.98 -3.51
C ALA A 420 13.02 30.36 -2.03
N GLY A 421 13.42 29.42 -1.18
CA GLY A 421 13.44 29.68 0.24
C GLY A 421 14.44 30.74 0.67
N LEU A 422 15.43 31.02 -0.16
CA LEU A 422 16.45 32.01 0.15
C LEU A 422 16.08 33.42 -0.30
N CYS A 423 15.00 33.57 -1.05
CA CYS A 423 14.61 34.88 -1.53
C CYS A 423 13.93 35.68 -0.41
N LYS A 424 13.71 36.98 -0.67
CA LYS A 424 13.13 37.87 0.32
C LYS A 424 11.61 37.83 0.35
N GLU A 425 10.97 37.28 -0.68
CA GLU A 425 9.52 37.15 -0.72
C GLU A 425 9.17 35.78 -1.27
N PRO A 426 7.95 35.30 -1.00
CA PRO A 426 7.56 33.96 -1.47
C PRO A 426 7.66 33.83 -2.99
N VAL A 427 7.90 32.59 -3.44
CA VAL A 427 8.07 32.27 -4.85
C VAL A 427 7.13 31.12 -5.20
N LEU A 428 6.45 31.23 -6.35
CA LEU A 428 5.51 30.22 -6.79
C LEU A 428 6.16 29.28 -7.80
N ILE A 429 6.04 27.98 -7.55
CA ILE A 429 6.59 26.94 -8.41
C ILE A 429 5.46 26.45 -9.31
N LEU A 430 5.67 26.51 -10.62
CA LEU A 430 4.66 26.16 -11.60
C LEU A 430 4.90 24.76 -12.15
N GLU A 431 3.81 24.13 -12.62
CA GLU A 431 3.89 22.84 -13.31
C GLU A 431 4.60 21.79 -12.46
N ARG A 432 4.30 21.79 -11.16
CA ARG A 432 4.91 20.85 -10.23
C ARG A 432 4.41 19.42 -10.46
N THR A 438 7.27 11.53 -7.55
CA THR A 438 8.28 11.14 -6.57
C THR A 438 8.33 12.12 -5.41
N TRP A 439 8.51 11.57 -4.20
CA TRP A 439 8.52 12.26 -2.92
C TRP A 439 7.47 13.35 -2.80
N PRO A 440 6.18 13.01 -2.70
CA PRO A 440 5.19 14.02 -2.30
C PRO A 440 5.47 14.56 -0.91
N GLY A 441 6.09 13.74 -0.06
CA GLY A 441 6.39 14.14 1.30
C GLY A 441 7.37 15.28 1.44
N TRP A 442 8.16 15.56 0.38
CA TRP A 442 9.10 16.69 0.45
C TRP A 442 8.38 17.99 0.77
N TRP A 443 7.28 18.27 0.05
CA TRP A 443 6.49 19.46 0.35
C TRP A 443 5.89 19.38 1.76
N ASP A 444 5.52 18.19 2.21
CA ASP A 444 5.13 18.00 3.60
C ASP A 444 6.31 18.24 4.53
N ILE A 445 7.47 17.65 4.21
CA ILE A 445 8.66 17.75 5.07
C ILE A 445 9.14 19.19 5.17
N LEU A 446 9.02 19.97 4.08
CA LEU A 446 9.34 21.40 4.17
C LEU A 446 8.57 22.08 5.29
N HIS A 447 7.31 21.70 5.48
CA HIS A 447 6.46 22.38 6.45
C HIS A 447 6.48 21.74 7.82
N SER A 448 6.67 20.42 7.90
CA SER A 448 6.61 19.69 9.18
C SER A 448 7.97 19.61 9.88
N LYS A 449 9.05 19.45 9.12
CA LYS A 449 10.38 19.35 9.72
C LYS A 449 11.14 20.68 9.64
N PHE A 450 11.29 21.22 8.43
CA PHE A 450 11.92 22.52 8.28
C PHE A 450 11.01 23.68 8.67
N LYS A 451 9.73 23.40 8.93
CA LYS A 451 8.79 24.40 9.45
C LYS A 451 8.68 25.58 8.51
N ILE A 452 8.68 25.32 7.21
CA ILE A 452 8.58 26.35 6.19
C ILE A 452 7.11 26.57 5.86
N GLU A 453 6.69 27.83 5.83
CA GLU A 453 5.32 28.15 5.47
C GLU A 453 5.10 27.95 3.97
N LEU A 454 3.92 27.45 3.61
CA LEU A 454 3.60 27.21 2.20
C LEU A 454 2.14 27.59 1.96
N ASP A 455 1.87 28.17 0.79
CA ASP A 455 0.53 28.56 0.37
C ASP A 455 -0.12 29.52 1.37
N ASP B 2 -1.45 -22.31 7.30
CA ASP B 2 -0.91 -21.87 8.59
C ASP B 2 -1.75 -22.41 9.75
N GLU B 3 -1.13 -23.21 10.61
CA GLU B 3 -1.79 -23.77 11.78
C GLU B 3 -0.91 -23.62 13.00
N VAL B 4 -1.56 -23.42 14.17
CA VAL B 4 -0.88 -23.17 15.42
C VAL B 4 -1.25 -24.26 16.42
N LEU B 5 -0.27 -24.74 17.18
CA LEU B 5 -0.49 -25.72 18.25
C LEU B 5 -0.83 -24.98 19.53
N VAL B 6 -2.10 -24.98 19.89
CA VAL B 6 -2.57 -24.31 21.11
C VAL B 6 -2.57 -25.31 22.25
N HIS B 7 -1.85 -25.00 23.33
CA HIS B 7 -1.81 -25.85 24.51
C HIS B 7 -2.93 -25.51 25.47
N PRO B 8 -3.28 -26.41 26.39
CA PRO B 8 -4.37 -26.13 27.33
C PRO B 8 -4.12 -24.85 28.13
N PHE B 9 -5.22 -24.16 28.43
CA PHE B 9 -5.19 -22.91 29.19
C PHE B 9 -5.04 -23.23 30.67
N THR B 10 -3.79 -23.47 31.08
CA THR B 10 -3.51 -23.81 32.47
C THR B 10 -2.96 -22.64 33.27
N ASN B 11 -2.44 -21.61 32.60
CA ASN B 11 -1.73 -20.53 33.30
C ASN B 11 -2.28 -19.16 32.89
N PRO B 12 -3.60 -18.97 32.92
CA PRO B 12 -4.15 -17.68 32.54
C PRO B 12 -4.25 -16.73 33.72
N PRO B 13 -3.64 -15.55 33.63
CA PRO B 13 -3.74 -14.58 34.72
C PRO B 13 -5.18 -14.22 35.03
N LYS B 14 -5.40 -13.77 36.28
CA LYS B 14 -6.75 -13.46 36.74
C LYS B 14 -7.42 -12.43 35.84
N GLU B 15 -6.71 -11.36 35.48
CA GLU B 15 -7.30 -10.27 34.71
C GLU B 15 -6.42 -9.94 33.52
N ASN B 16 -7.03 -9.37 32.48
CA ASN B 16 -6.29 -9.02 31.28
C ASN B 16 -6.99 -7.91 30.53
N ILE B 17 -6.19 -7.09 29.85
CA ILE B 17 -6.69 -5.90 29.15
C ILE B 17 -6.28 -6.02 27.70
N ILE B 18 -7.25 -5.94 26.79
CA ILE B 18 -7.03 -6.28 25.40
C ILE B 18 -7.66 -5.22 24.52
N VAL B 19 -6.87 -4.61 23.64
CA VAL B 19 -7.32 -3.64 22.66
C VAL B 19 -7.18 -4.27 21.28
N PRO B 20 -8.28 -4.68 20.64
CA PRO B 20 -8.18 -5.27 19.31
C PRO B 20 -7.83 -4.23 18.27
N PRO B 21 -7.41 -4.65 17.08
CA PRO B 21 -7.12 -3.70 16.01
C PRO B 21 -8.38 -3.03 15.52
N GLY B 22 -8.17 -1.98 14.71
CA GLY B 22 -9.29 -1.25 14.16
C GLY B 22 -10.19 -2.12 13.31
N SER B 23 -11.48 -1.74 13.27
CA SER B 23 -12.48 -2.39 12.43
C SER B 23 -12.23 -2.11 10.96
N LYS B 24 -12.24 -3.17 10.14
CA LYS B 24 -12.05 -2.99 8.70
C LYS B 24 -13.20 -2.21 8.07
N SER B 25 -14.44 -2.62 8.36
CA SER B 25 -15.60 -1.94 7.79
C SER B 25 -15.61 -0.45 8.11
N ILE B 26 -15.32 -0.07 9.35
CA ILE B 26 -15.35 1.34 9.71
C ILE B 26 -14.16 2.07 9.08
N SER B 27 -12.98 1.45 9.08
CA SER B 27 -11.82 2.03 8.39
C SER B 27 -12.15 2.39 6.95
N ASN B 28 -12.78 1.46 6.22
CA ASN B 28 -13.04 1.65 4.80
C ASN B 28 -14.01 2.80 4.56
N ARG B 29 -15.04 2.89 5.38
CA ARG B 29 -16.00 3.98 5.27
C ARG B 29 -15.37 5.33 5.64
N ALA B 30 -14.58 5.37 6.71
CA ALA B 30 -14.09 6.65 7.22
C ALA B 30 -13.22 7.35 6.20
N LEU B 31 -12.47 6.58 5.40
CA LEU B 31 -11.57 7.18 4.41
C LEU B 31 -12.35 7.79 3.25
N ILE B 32 -13.43 7.11 2.81
CA ILE B 32 -14.31 7.65 1.78
C ILE B 32 -14.96 8.95 2.25
N LEU B 33 -15.60 8.92 3.44
CA LEU B 33 -16.28 10.11 3.96
C LEU B 33 -15.31 11.27 4.15
N ALA B 34 -14.15 11.00 4.76
CA ALA B 34 -13.15 12.05 4.98
C ALA B 34 -12.66 12.63 3.66
N ALA B 35 -12.47 11.78 2.64
CA ALA B 35 -12.00 12.28 1.35
C ALA B 35 -13.02 13.21 0.69
N LEU B 36 -14.31 12.93 0.88
CA LEU B 36 -15.39 13.71 0.28
C LEU B 36 -15.72 14.96 1.08
N GLY B 37 -15.33 15.01 2.36
CA GLY B 37 -15.77 16.08 3.24
C GLY B 37 -14.91 17.33 3.17
N ASN B 38 -15.34 18.34 3.91
CA ASN B 38 -14.59 19.56 4.09
C ASN B 38 -13.79 19.50 5.39
N GLY B 39 -12.55 19.99 5.32
CA GLY B 39 -11.71 20.13 6.49
C GLY B 39 -10.74 18.97 6.64
N THR B 40 -9.82 19.12 7.59
CA THR B 40 -8.79 18.12 7.83
C THR B 40 -9.18 17.26 9.04
N VAL B 41 -9.14 15.94 8.86
CA VAL B 41 -9.47 15.01 9.94
C VAL B 41 -8.26 14.13 10.20
N ARG B 42 -7.91 13.98 11.47
CA ARG B 42 -6.88 13.04 11.89
C ARG B 42 -7.56 11.72 12.25
N VAL B 43 -7.27 10.68 11.48
CA VAL B 43 -7.91 9.38 11.64
C VAL B 43 -7.01 8.52 12.51
N LYS B 44 -7.56 8.02 13.62
CA LYS B 44 -6.80 7.21 14.57
C LYS B 44 -7.36 5.79 14.60
N ASN B 45 -6.48 4.83 14.90
CA ASN B 45 -6.86 3.42 15.08
C ASN B 45 -7.33 2.78 13.78
N LEU B 46 -6.81 3.26 12.64
CA LEU B 46 -7.13 2.62 11.38
C LEU B 46 -6.58 1.21 11.34
N LEU B 47 -7.35 0.30 10.76
CA LEU B 47 -6.84 -1.02 10.48
C LEU B 47 -5.87 -0.93 9.33
N HIS B 48 -4.64 -1.38 9.53
CA HIS B 48 -3.66 -1.38 8.45
C HIS B 48 -3.54 -2.82 7.96
N SER B 49 -4.22 -3.10 6.86
CA SER B 49 -4.09 -4.34 6.11
C SER B 49 -3.82 -3.99 4.65
N ASP B 50 -3.45 -5.01 3.86
CA ASP B 50 -3.23 -4.77 2.44
C ASP B 50 -4.44 -4.10 1.79
N ASP B 51 -5.64 -4.54 2.15
CA ASP B 51 -6.84 -4.02 1.50
C ASP B 51 -7.08 -2.55 1.81
N THR B 52 -6.71 -2.10 3.01
CA THR B 52 -6.95 -0.70 3.33
C THR B 52 -5.87 0.22 2.76
N LYS B 53 -4.65 -0.29 2.54
CA LYS B 53 -3.62 0.52 1.85
C LYS B 53 -4.02 0.82 0.42
N HIS B 54 -4.60 -0.16 -0.28
CA HIS B 54 -5.11 0.13 -1.61
C HIS B 54 -6.13 1.25 -1.55
N MET B 55 -7.03 1.19 -0.57
CA MET B 55 -7.98 2.26 -0.34
C MET B 55 -7.25 3.59 -0.13
N LEU B 56 -6.29 3.60 0.79
CA LEU B 56 -5.49 4.80 1.05
C LEU B 56 -4.87 5.35 -0.23
N ASP B 57 -4.06 4.54 -0.92
CA ASP B 57 -3.31 5.08 -2.05
C ASP B 57 -4.22 5.45 -3.21
N ALA B 58 -5.37 4.78 -3.32
CA ALA B 58 -6.35 5.14 -4.34
C ALA B 58 -6.96 6.50 -4.04
N VAL B 59 -7.38 6.70 -2.80
CA VAL B 59 -7.99 7.96 -2.39
C VAL B 59 -7.02 9.10 -2.62
N ALA B 60 -5.79 8.97 -2.08
CA ALA B 60 -4.79 10.01 -2.23
C ALA B 60 -4.45 10.28 -3.68
N SER B 61 -4.78 9.33 -4.58
CA SER B 61 -4.40 9.45 -5.97
C SER B 61 -5.25 10.47 -6.72
N LEU B 62 -6.52 10.58 -6.38
CA LEU B 62 -7.35 11.63 -6.97
C LEU B 62 -6.88 12.99 -6.51
N LYS B 63 -6.91 13.94 -7.42
CA LYS B 63 -6.62 15.32 -7.06
C LYS B 63 -7.81 15.89 -6.33
N GLY B 64 -7.57 16.43 -5.13
CA GLY B 64 -8.66 16.90 -4.31
C GLY B 64 -8.59 16.37 -2.89
N ALA B 65 -8.16 15.12 -2.72
CA ALA B 65 -7.95 14.52 -1.42
C ALA B 65 -6.45 14.47 -1.13
N GLU B 66 -6.05 14.95 0.05
CA GLU B 66 -4.64 15.01 0.44
C GLU B 66 -4.44 14.17 1.69
N ILE B 67 -3.74 13.04 1.54
CA ILE B 67 -3.55 12.08 2.62
C ILE B 67 -2.08 12.08 3.04
N SER B 68 -1.84 12.17 4.34
CA SER B 68 -0.50 12.09 4.91
C SER B 68 -0.60 11.37 6.25
N THR B 69 0.56 11.02 6.81
CA THR B 69 0.60 10.29 8.08
C THR B 69 1.33 11.13 9.13
N GLU B 70 0.78 11.13 10.33
CA GLU B 70 1.40 11.79 11.47
C GLU B 70 1.67 10.77 12.55
N ASP B 71 2.35 11.22 13.61
CA ASP B 71 2.62 10.42 14.80
C ASP B 71 3.26 9.08 14.43
N ASN B 72 4.26 9.15 13.57
CA ASN B 72 5.05 7.98 13.14
C ASN B 72 4.15 6.89 12.56
N GLY B 73 3.30 7.28 11.60
CA GLY B 73 2.48 6.35 10.86
C GLY B 73 1.19 5.92 11.53
N GLU B 74 1.00 6.23 12.82
CA GLU B 74 -0.22 5.80 13.50
C GLU B 74 -1.43 6.58 13.00
N THR B 75 -1.32 7.90 12.94
CA THR B 75 -2.41 8.78 12.54
C THR B 75 -2.39 9.00 11.04
N ILE B 76 -3.56 8.85 10.39
CA ILE B 76 -3.72 9.22 8.99
C ILE B 76 -4.38 10.59 8.95
N VAL B 77 -3.79 11.52 8.20
CA VAL B 77 -4.28 12.89 8.09
C VAL B 77 -4.95 13.01 6.74
N VAL B 78 -6.25 13.29 6.72
CA VAL B 78 -7.02 13.40 5.47
C VAL B 78 -7.55 14.81 5.39
N LYS B 79 -7.14 15.54 4.37
CA LYS B 79 -7.66 16.87 4.07
C LYS B 79 -8.55 16.70 2.85
N GLY B 80 -9.86 16.72 3.05
CA GLY B 80 -10.78 16.62 1.94
C GLY B 80 -11.07 17.99 1.36
N ASN B 81 -11.56 18.06 0.14
CA ASN B 81 -11.94 19.37 -0.37
C ASN B 81 -13.40 19.39 -0.81
N GLY B 82 -14.25 18.68 -0.06
CA GLY B 82 -15.68 18.85 -0.22
C GLY B 82 -16.22 18.25 -1.49
N GLY B 83 -15.58 17.21 -2.01
CA GLY B 83 -16.11 16.52 -3.17
C GLY B 83 -15.58 17.01 -4.50
N ASN B 84 -14.56 17.86 -4.50
CA ASN B 84 -14.07 18.51 -5.72
C ASN B 84 -12.85 17.77 -6.29
N LEU B 85 -13.11 16.55 -6.73
CA LEU B 85 -12.06 15.65 -7.21
C LEU B 85 -11.92 15.73 -8.73
N VAL B 86 -10.70 15.59 -9.22
CA VAL B 86 -10.46 15.59 -10.66
C VAL B 86 -9.53 14.45 -11.02
N THR B 87 -9.62 14.01 -12.27
CA THR B 87 -8.80 12.90 -12.74
C THR B 87 -7.33 13.25 -12.59
N SER B 88 -6.54 12.28 -12.16
CA SER B 88 -5.09 12.40 -12.14
C SER B 88 -4.44 11.65 -13.27
N GLY B 89 -5.21 10.90 -14.06
CA GLY B 89 -4.67 10.20 -15.20
C GLY B 89 -4.04 8.85 -14.90
N GLU B 90 -3.75 8.55 -13.64
CA GLU B 90 -3.23 7.23 -13.29
C GLU B 90 -4.38 6.33 -12.88
N GLU B 91 -4.40 5.13 -13.42
CA GLU B 91 -5.45 4.20 -13.05
C GLU B 91 -5.34 3.87 -11.57
N LEU B 92 -6.48 3.53 -10.97
CA LEU B 92 -6.55 3.19 -9.55
C LEU B 92 -6.44 1.68 -9.45
N TYR B 93 -5.25 1.20 -9.09
CA TYR B 93 -5.03 -0.23 -8.88
C TYR B 93 -5.50 -0.62 -7.49
N LEU B 94 -6.42 -1.58 -7.43
CA LEU B 94 -7.04 -1.98 -6.16
C LEU B 94 -6.74 -3.42 -5.77
N GLY B 95 -5.77 -4.06 -6.43
CA GLY B 95 -5.41 -5.43 -6.08
C GLY B 95 -6.62 -6.33 -6.17
N ASN B 96 -6.96 -7.01 -5.07
CA ASN B 96 -8.23 -7.69 -4.95
C ASN B 96 -8.99 -7.20 -3.72
N ALA B 97 -8.97 -5.89 -3.49
CA ALA B 97 -9.69 -5.27 -2.38
C ALA B 97 -11.14 -5.07 -2.81
N GLY B 98 -11.98 -6.09 -2.51
CA GLY B 98 -13.35 -6.10 -3.02
C GLY B 98 -14.16 -4.90 -2.58
N THR B 99 -14.18 -4.64 -1.27
CA THR B 99 -14.99 -3.54 -0.76
C THR B 99 -14.51 -2.20 -1.33
N ALA B 100 -13.20 -1.99 -1.37
CA ALA B 100 -12.66 -0.75 -1.90
C ALA B 100 -13.09 -0.52 -3.34
N SER B 101 -13.07 -1.57 -4.16
CA SER B 101 -13.48 -1.39 -5.55
C SER B 101 -14.93 -0.97 -5.61
N ARG B 102 -15.77 -1.45 -4.69
CA ARG B 102 -17.19 -1.07 -4.76
C ARG B 102 -17.39 0.36 -4.28
N PHE B 103 -16.73 0.76 -3.20
CA PHE B 103 -16.88 2.12 -2.70
C PHE B 103 -16.28 3.13 -3.70
N LEU B 104 -15.10 2.82 -4.25
CA LEU B 104 -14.44 3.77 -5.13
C LEU B 104 -15.09 3.88 -6.50
N THR B 105 -15.84 2.86 -6.94
CA THR B 105 -16.53 2.97 -8.21
C THR B 105 -17.54 4.11 -8.18
N THR B 106 -18.28 4.26 -7.08
CA THR B 106 -19.20 5.40 -7.01
C THR B 106 -18.43 6.71 -6.81
N VAL B 107 -17.37 6.70 -5.99
CA VAL B 107 -16.58 7.92 -5.84
C VAL B 107 -16.10 8.38 -7.21
N ALA B 108 -15.64 7.44 -8.04
CA ALA B 108 -15.15 7.77 -9.38
C ALA B 108 -16.22 8.43 -10.24
N SER B 109 -17.49 8.10 -10.01
CA SER B 109 -18.53 8.71 -10.81
C SER B 109 -18.73 10.18 -10.47
N LEU B 110 -18.15 10.69 -9.37
CA LEU B 110 -18.23 12.09 -8.99
C LEU B 110 -17.14 12.96 -9.60
N VAL B 111 -16.12 12.35 -10.18
CA VAL B 111 -14.86 13.04 -10.42
C VAL B 111 -14.97 13.90 -11.68
N GLY B 112 -14.31 15.09 -11.64
CA GLY B 112 -14.26 15.96 -12.79
C GLY B 112 -13.08 15.68 -13.73
N LYS B 113 -13.19 16.21 -14.94
CA LYS B 113 -12.17 16.04 -15.98
C LYS B 113 -10.98 16.94 -15.71
N SER B 114 -9.85 16.59 -16.33
CA SER B 114 -8.62 17.37 -16.23
C SER B 114 -7.82 17.19 -17.52
N GLN B 115 -6.70 17.90 -17.62
CA GLN B 115 -5.85 17.73 -18.79
C GLN B 115 -5.24 16.34 -18.83
N ALA B 116 -5.12 15.67 -17.68
CA ALA B 116 -4.59 14.31 -17.66
C ALA B 116 -5.52 13.34 -18.37
N SER B 117 -6.82 13.41 -18.11
CA SER B 117 -7.74 12.42 -18.65
C SER B 117 -9.18 12.87 -18.48
N ASP B 118 -10.03 12.45 -19.41
CA ASP B 118 -11.47 12.59 -19.27
C ASP B 118 -12.11 11.42 -18.55
N ASP B 119 -11.31 10.48 -18.04
CA ASP B 119 -11.84 9.27 -17.44
C ASP B 119 -11.10 8.93 -16.15
N VAL B 120 -11.75 8.16 -15.30
CA VAL B 120 -11.09 7.47 -14.19
C VAL B 120 -11.11 5.98 -14.52
N ILE B 121 -9.96 5.31 -14.36
CA ILE B 121 -9.85 3.88 -14.57
C ILE B 121 -9.63 3.18 -13.25
N LEU B 122 -10.46 2.19 -12.95
CA LEU B 122 -10.27 1.34 -11.77
C LEU B 122 -9.88 -0.06 -12.22
N THR B 123 -8.76 -0.56 -11.70
CA THR B 123 -8.21 -1.84 -12.10
C THR B 123 -7.89 -2.66 -10.85
N GLY B 124 -7.48 -3.89 -11.08
CA GLY B 124 -7.08 -4.80 -10.04
C GLY B 124 -6.38 -6.00 -10.64
N ASN B 125 -6.22 -7.03 -9.83
CA ASN B 125 -5.51 -8.22 -10.28
C ASN B 125 -6.51 -9.21 -10.89
N ALA B 126 -6.06 -10.45 -11.11
CA ALA B 126 -6.88 -11.43 -11.84
C ALA B 126 -8.17 -11.73 -11.10
N ARG B 127 -8.12 -11.90 -9.77
CA ARG B 127 -9.35 -12.19 -9.04
C ARG B 127 -10.31 -11.00 -9.08
N MET B 128 -9.77 -9.78 -8.98
CA MET B 128 -10.60 -8.60 -9.20
C MET B 128 -11.30 -8.64 -10.55
N GLN B 129 -10.57 -8.98 -11.60
CA GLN B 129 -11.11 -8.92 -12.95
C GLN B 129 -12.10 -10.02 -13.26
N GLU B 130 -12.43 -10.81 -12.23
CA GLU B 130 -13.45 -11.85 -12.28
C GLU B 130 -14.55 -11.64 -11.24
N ARG B 131 -14.39 -10.68 -10.34
CA ARG B 131 -15.43 -10.32 -9.38
C ARG B 131 -16.57 -9.59 -10.07
N PRO B 132 -17.84 -9.99 -9.88
CA PRO B 132 -18.95 -9.24 -10.48
C PRO B 132 -19.18 -7.92 -9.78
N ILE B 133 -19.48 -6.88 -10.57
CA ILE B 133 -19.84 -5.58 -10.02
C ILE B 133 -21.02 -4.98 -10.77
N GLY B 134 -21.65 -5.79 -11.64
CA GLY B 134 -22.72 -5.30 -12.48
C GLY B 134 -23.88 -4.59 -11.82
N PRO B 135 -24.35 -5.03 -10.66
CA PRO B 135 -25.48 -4.32 -10.03
C PRO B 135 -25.17 -2.87 -9.71
N LEU B 136 -23.92 -2.59 -9.33
CA LEU B 136 -23.55 -1.22 -9.06
C LEU B 136 -23.40 -0.43 -10.35
N VAL B 137 -22.73 -1.01 -11.35
CA VAL B 137 -22.55 -0.28 -12.60
C VAL B 137 -23.90 0.04 -13.21
N ASP B 138 -24.82 -0.93 -13.15
CA ASP B 138 -26.16 -0.75 -13.70
C ASP B 138 -26.85 0.45 -13.08
N ALA B 139 -26.86 0.50 -11.74
CA ALA B 139 -27.51 1.59 -11.03
C ALA B 139 -26.86 2.93 -11.35
N LEU B 140 -25.52 2.97 -11.37
CA LEU B 140 -24.86 4.23 -11.73
C LEU B 140 -25.20 4.65 -13.15
N ARG B 141 -25.16 3.71 -14.11
CA ARG B 141 -25.51 4.02 -15.50
C ARG B 141 -26.91 4.58 -15.59
N SER B 142 -27.85 3.99 -14.85
CA SER B 142 -29.21 4.50 -14.85
C SER B 142 -29.32 5.91 -14.29
N ASN B 143 -28.33 6.36 -13.50
CA ASN B 143 -28.30 7.72 -12.96
C ASN B 143 -27.38 8.65 -13.77
N GLY B 144 -27.06 8.28 -15.01
CA GLY B 144 -26.34 9.16 -15.91
C GLY B 144 -24.85 8.93 -15.98
N SER B 145 -24.32 7.96 -15.27
CA SER B 145 -22.90 7.63 -15.38
C SER B 145 -22.62 6.92 -16.68
N GLU B 146 -21.44 7.17 -17.22
CA GLU B 146 -20.95 6.49 -18.40
C GLU B 146 -19.79 5.61 -17.93
N ILE B 147 -19.99 4.30 -17.97
CA ILE B 147 -19.06 3.31 -17.44
C ILE B 147 -18.86 2.24 -18.52
N GLU B 148 -17.60 1.95 -18.83
CA GLU B 148 -17.26 0.91 -19.79
C GLU B 148 -16.45 -0.19 -19.11
N TYR B 149 -16.77 -1.44 -19.42
CA TYR B 149 -15.97 -2.58 -18.97
C TYR B 149 -14.79 -2.74 -19.91
N LEU B 150 -13.56 -2.64 -19.39
CA LEU B 150 -12.38 -2.65 -20.25
C LEU B 150 -11.82 -4.04 -20.53
N ASN B 151 -12.22 -5.06 -19.77
CA ASN B 151 -11.80 -6.43 -20.07
C ASN B 151 -13.02 -7.34 -20.16
N LYS B 152 -13.38 -7.99 -19.06
CA LYS B 152 -14.57 -8.84 -19.08
C LYS B 152 -15.79 -8.00 -18.72
N GLN B 153 -16.88 -8.19 -19.46
CA GLN B 153 -18.16 -7.59 -19.10
C GLN B 153 -18.53 -8.03 -17.69
N GLY B 154 -18.95 -7.06 -16.86
CA GLY B 154 -19.41 -7.31 -15.51
C GLY B 154 -18.38 -7.19 -14.40
N SER B 155 -17.13 -6.86 -14.71
CA SER B 155 -16.09 -6.75 -13.69
C SER B 155 -15.18 -5.58 -14.00
N LEU B 156 -14.42 -5.15 -12.97
CA LEU B 156 -13.25 -4.32 -13.22
C LEU B 156 -12.36 -5.03 -14.24
N PRO B 157 -11.55 -4.29 -15.01
CA PRO B 157 -11.40 -2.83 -14.95
C PRO B 157 -12.59 -2.05 -15.49
N LEU B 158 -12.85 -0.90 -14.89
CA LEU B 158 -13.88 0.03 -15.33
C LEU B 158 -13.23 1.32 -15.83
N LYS B 159 -13.78 1.84 -16.93
CA LYS B 159 -13.48 3.18 -17.42
CA LYS B 159 -13.48 3.18 -17.42
C LYS B 159 -14.70 4.04 -17.15
N ILE B 160 -14.56 4.99 -16.23
CA ILE B 160 -15.68 5.82 -15.81
C ILE B 160 -15.45 7.23 -16.32
N SER B 161 -16.38 7.72 -17.13
CA SER B 161 -16.27 9.05 -17.70
C SER B 161 -16.37 10.11 -16.61
N ALA B 162 -15.40 11.02 -16.57
CA ALA B 162 -15.42 12.10 -15.62
C ALA B 162 -16.25 13.27 -16.15
N GLY B 163 -16.65 14.16 -15.24
CA GLY B 163 -17.38 15.37 -15.60
C GLY B 163 -18.89 15.22 -15.69
N ASN B 164 -19.44 14.05 -15.37
CA ASN B 164 -20.88 13.83 -15.41
C ASN B 164 -21.55 13.97 -14.06
N GLY B 165 -20.91 13.50 -13.01
CA GLY B 165 -21.55 13.47 -11.72
C GLY B 165 -22.69 12.46 -11.74
N LEU B 166 -23.52 12.57 -10.72
CA LEU B 166 -24.68 11.71 -10.56
C LEU B 166 -25.93 12.58 -10.63
N LYS B 167 -26.93 12.10 -11.36
CA LYS B 167 -28.17 12.87 -11.51
C LYS B 167 -28.93 13.00 -10.19
N GLY B 168 -28.86 11.99 -9.33
CA GLY B 168 -29.72 11.99 -8.16
C GLY B 168 -31.15 11.56 -8.51
N GLY B 169 -32.08 11.97 -7.65
CA GLY B 169 -33.40 11.43 -7.75
C GLY B 169 -33.42 9.98 -7.32
N ARG B 170 -34.35 9.22 -7.91
CA ARG B 170 -34.57 7.84 -7.52
C ARG B 170 -33.54 6.92 -8.15
N ILE B 171 -32.94 6.07 -7.32
CA ILE B 171 -32.02 5.01 -7.74
C ILE B 171 -32.53 3.73 -7.09
N GLU B 172 -32.82 2.71 -7.90
CA GLU B 172 -33.22 1.40 -7.40
C GLU B 172 -32.05 0.43 -7.37
N LEU B 173 -32.03 -0.45 -6.37
CA LEU B 173 -31.10 -1.58 -6.30
C LEU B 173 -31.87 -2.82 -5.85
N ALA B 174 -31.51 -3.99 -6.39
CA ALA B 174 -32.14 -5.22 -5.91
C ALA B 174 -31.68 -5.48 -4.48
N ALA B 175 -32.64 -5.80 -3.60
CA ALA B 175 -32.32 -5.97 -2.19
C ALA B 175 -31.41 -7.16 -1.93
N THR B 176 -31.35 -8.11 -2.86
CA THR B 176 -30.62 -9.36 -2.69
C THR B 176 -29.12 -9.22 -2.90
N ILE B 177 -28.67 -8.09 -3.44
CA ILE B 177 -27.26 -7.88 -3.77
C ILE B 177 -26.47 -7.59 -2.50
N SER B 178 -25.15 -7.53 -2.63
CA SER B 178 -24.31 -7.20 -1.49
C SER B 178 -24.68 -5.84 -0.93
N SER B 179 -24.82 -5.78 0.41
CA SER B 179 -25.03 -4.49 1.06
C SER B 179 -23.94 -3.49 0.74
N GLN B 180 -22.73 -3.95 0.37
CA GLN B 180 -21.66 -3.02 0.02
C GLN B 180 -22.05 -2.13 -1.16
N TYR B 181 -22.87 -2.64 -2.07
CA TYR B 181 -23.37 -1.80 -3.16
C TYR B 181 -24.24 -0.68 -2.65
N VAL B 182 -25.11 -0.97 -1.67
CA VAL B 182 -25.97 0.05 -1.07
C VAL B 182 -25.13 1.09 -0.36
N SER B 183 -24.21 0.63 0.49
CA SER B 183 -23.31 1.52 1.21
C SER B 183 -22.55 2.42 0.26
N SER B 184 -22.06 1.86 -0.85
CA SER B 184 -21.27 2.65 -1.79
C SER B 184 -22.07 3.81 -2.35
N ILE B 185 -23.32 3.56 -2.73
CA ILE B 185 -24.15 4.63 -3.25
C ILE B 185 -24.51 5.62 -2.15
N LEU B 186 -24.89 5.13 -0.96
CA LEU B 186 -25.21 6.01 0.16
C LEU B 186 -24.14 7.08 0.40
N MET B 187 -22.86 6.67 0.43
CA MET B 187 -21.80 7.57 0.85
C MET B 187 -21.60 8.72 -0.14
N CYS B 188 -21.82 8.47 -1.44
CA CYS B 188 -21.67 9.52 -2.45
C CYS B 188 -22.98 10.23 -2.75
N ALA B 189 -24.12 9.68 -2.33
CA ALA B 189 -25.41 10.29 -2.63
C ALA B 189 -25.51 11.78 -2.27
N PRO B 190 -24.94 12.28 -1.17
CA PRO B 190 -25.09 13.72 -0.88
C PRO B 190 -24.51 14.61 -1.96
N TYR B 191 -23.66 14.06 -2.83
CA TYR B 191 -22.97 14.82 -3.87
C TYR B 191 -23.67 14.74 -5.22
N ALA B 192 -24.83 14.10 -5.31
CA ALA B 192 -25.59 14.10 -6.55
C ALA B 192 -26.17 15.48 -6.84
N LYS B 193 -26.56 15.70 -8.10
CA LYS B 193 -27.10 16.99 -8.52
C LYS B 193 -28.46 17.28 -7.92
N GLU B 194 -29.20 16.25 -7.50
CA GLU B 194 -30.51 16.37 -6.89
C GLU B 194 -30.61 15.32 -5.79
N PRO B 195 -31.33 15.63 -4.70
CA PRO B 195 -31.40 14.69 -3.58
C PRO B 195 -31.77 13.29 -4.05
N VAL B 196 -31.19 12.29 -3.39
CA VAL B 196 -31.28 10.90 -3.84
C VAL B 196 -32.33 10.18 -3.02
N THR B 197 -33.16 9.39 -3.70
CA THR B 197 -33.95 8.34 -3.06
C THR B 197 -33.35 7.00 -3.48
N LEU B 198 -32.79 6.25 -2.52
CA LEU B 198 -32.21 4.94 -2.79
C LEU B 198 -33.19 3.87 -2.31
N ALA B 199 -33.80 3.16 -3.25
CA ALA B 199 -34.86 2.20 -2.95
C ALA B 199 -34.36 0.79 -3.23
N LEU B 200 -34.37 -0.06 -2.22
CA LEU B 200 -34.00 -1.46 -2.41
C LEU B 200 -35.27 -2.23 -2.71
N VAL B 201 -35.33 -2.91 -3.86
CA VAL B 201 -36.56 -3.52 -4.32
C VAL B 201 -36.37 -5.02 -4.49
N GLY B 202 -37.49 -5.73 -4.58
CA GLY B 202 -37.44 -7.16 -4.81
C GLY B 202 -36.97 -7.98 -3.64
N GLY B 203 -37.26 -7.54 -2.42
CA GLY B 203 -37.11 -8.37 -1.24
C GLY B 203 -36.50 -7.59 -0.10
N LYS B 204 -35.92 -8.35 0.83
CA LYS B 204 -35.32 -7.83 2.05
C LYS B 204 -33.81 -8.07 2.05
N PRO B 205 -32.99 -7.06 2.34
CA PRO B 205 -31.55 -7.31 2.48
C PRO B 205 -31.25 -8.21 3.67
N ILE B 206 -30.18 -8.99 3.55
CA ILE B 206 -29.78 -9.89 4.63
C ILE B 206 -28.68 -9.32 5.52
N SER B 207 -28.09 -8.18 5.16
CA SER B 207 -27.00 -7.57 5.93
C SER B 207 -27.31 -6.10 6.19
N GLN B 208 -28.48 -5.86 6.78
CA GLN B 208 -28.94 -4.51 7.10
C GLN B 208 -28.00 -3.78 8.04
N LEU B 209 -27.29 -4.50 8.91
CA LEU B 209 -26.49 -3.83 9.93
C LEU B 209 -25.38 -2.98 9.29
N TYR B 210 -24.82 -3.45 8.17
CA TYR B 210 -23.75 -2.70 7.52
C TYR B 210 -24.28 -1.49 6.78
N ILE B 211 -25.53 -1.54 6.32
CA ILE B 211 -26.18 -0.35 5.78
C ILE B 211 -26.41 0.65 6.90
N ASP B 212 -26.89 0.18 8.04
CA ASP B 212 -27.10 1.07 9.18
C ASP B 212 -25.77 1.68 9.64
N MET B 213 -24.69 0.91 9.57
CA MET B 213 -23.39 1.45 10.01
C MET B 213 -22.96 2.60 9.12
N THR B 214 -23.09 2.41 7.80
CA THR B 214 -22.79 3.48 6.85
C THR B 214 -23.59 4.73 7.18
N CYS B 215 -24.89 4.55 7.39
CA CYS B 215 -25.78 5.68 7.69
C CYS B 215 -25.35 6.39 8.96
N ALA B 216 -24.99 5.64 10.01
CA ALA B 216 -24.58 6.26 11.26
C ALA B 216 -23.28 7.03 11.09
N MET B 217 -22.34 6.50 10.31
CA MET B 217 -21.09 7.23 10.10
C MET B 217 -21.32 8.48 9.28
N MET B 218 -22.13 8.42 8.20
CA MET B 218 -22.51 9.68 7.55
C MET B 218 -23.04 10.71 8.52
N LYS B 219 -23.85 10.29 9.49
CA LYS B 219 -24.38 11.25 10.46
C LYS B 219 -23.26 11.91 11.25
N SER B 220 -22.28 11.13 11.71
CA SER B 220 -21.15 11.71 12.44
C SER B 220 -20.41 12.72 11.57
N PHE B 221 -20.41 12.52 10.26
CA PHE B 221 -19.83 13.44 9.29
C PHE B 221 -20.83 14.45 8.75
N GLY B 222 -22.01 14.56 9.38
CA GLY B 222 -22.89 15.70 9.17
C GLY B 222 -23.99 15.57 8.15
N ILE B 223 -24.31 14.35 7.71
CA ILE B 223 -25.40 14.11 6.76
C ILE B 223 -26.30 13.04 7.35
N GLU B 224 -27.58 13.34 7.53
CA GLU B 224 -28.51 12.42 8.16
C GLU B 224 -29.39 11.76 7.12
N VAL B 225 -29.27 10.45 6.99
CA VAL B 225 -30.13 9.68 6.10
C VAL B 225 -31.42 9.38 6.82
N THR B 226 -32.55 9.55 6.12
CA THR B 226 -33.85 9.21 6.68
C THR B 226 -34.50 8.08 5.89
N LYS B 227 -35.43 7.40 6.54
CA LYS B 227 -36.09 6.22 5.97
C LYS B 227 -37.53 6.53 5.64
N SER B 228 -38.02 5.91 4.57
CA SER B 228 -39.43 6.03 4.25
C SER B 228 -40.27 5.50 5.42
N THR B 229 -41.39 6.17 5.67
CA THR B 229 -42.34 5.67 6.65
C THR B 229 -43.08 4.43 6.16
N THR B 230 -43.12 4.22 4.85
CA THR B 230 -43.87 3.09 4.29
C THR B 230 -42.97 2.02 3.67
N GLU B 231 -41.68 2.28 3.54
CA GLU B 231 -40.76 1.37 2.88
C GLU B 231 -39.52 1.29 3.76
N GLU B 232 -39.30 0.13 4.37
CA GLU B 232 -38.22 -0.04 5.33
C GLU B 232 -36.84 0.05 4.67
N TYR B 233 -36.73 -0.23 3.37
CA TYR B 233 -35.45 -0.25 2.68
C TYR B 233 -35.42 0.75 1.54
N THR B 234 -36.14 1.85 1.71
CA THR B 234 -35.94 3.04 0.89
C THR B 234 -35.33 4.12 1.77
N TYR B 235 -34.26 4.75 1.28
CA TYR B 235 -33.46 5.69 2.03
C TYR B 235 -33.46 7.03 1.34
N HIS B 236 -33.75 8.09 2.09
CA HIS B 236 -33.68 9.43 1.58
C HIS B 236 -32.40 10.08 2.09
N ILE B 237 -31.54 10.51 1.17
CA ILE B 237 -30.25 11.11 1.48
C ILE B 237 -30.31 12.57 1.09
N PRO B 238 -30.05 13.51 2.00
CA PRO B 238 -30.08 14.92 1.62
C PRO B 238 -28.89 15.29 0.75
N LYS B 239 -29.06 16.37 0.01
CA LYS B 239 -27.95 16.91 -0.77
C LYS B 239 -27.11 17.79 0.13
N GLY B 240 -25.79 17.57 0.14
CA GLY B 240 -24.93 18.36 0.99
C GLY B 240 -23.51 17.87 0.92
N THR B 241 -22.69 18.37 1.84
CA THR B 241 -21.27 18.03 1.92
C THR B 241 -20.94 17.59 3.34
N TYR B 242 -20.15 16.53 3.48
CA TYR B 242 -19.76 16.12 4.83
C TYR B 242 -18.90 17.19 5.47
N LYS B 243 -19.06 17.33 6.77
CA LYS B 243 -18.15 18.14 7.58
C LYS B 243 -17.24 17.19 8.35
N ASN B 244 -15.96 17.23 8.05
CA ASN B 244 -14.99 16.34 8.69
C ASN B 244 -14.72 16.80 10.11
N PRO B 245 -14.93 15.96 11.12
CA PRO B 245 -14.50 16.30 12.47
C PRO B 245 -12.99 16.42 12.48
N SER B 246 -12.46 17.13 13.47
CA SER B 246 -11.00 17.35 13.50
C SER B 246 -10.26 16.05 13.77
N GLU B 247 -10.87 15.14 14.55
CA GLU B 247 -10.38 13.79 14.75
C GLU B 247 -11.53 12.81 14.56
N TYR B 248 -11.19 11.61 14.10
CA TYR B 248 -12.16 10.54 14.01
C TYR B 248 -11.46 9.25 14.42
N VAL B 249 -11.96 8.60 15.45
CA VAL B 249 -11.34 7.38 15.96
C VAL B 249 -12.11 6.19 15.43
N ILE B 250 -11.42 5.35 14.65
CA ILE B 250 -11.96 4.07 14.20
C ILE B 250 -12.16 3.19 15.43
N GLU B 251 -13.36 2.63 15.56
CA GLU B 251 -13.60 1.68 16.65
C GLU B 251 -12.68 0.48 16.50
N SER B 252 -12.25 -0.05 17.64
CA SER B 252 -11.64 -1.37 17.60
C SER B 252 -12.69 -2.39 17.13
N ASP B 253 -12.19 -3.50 16.63
CA ASP B 253 -13.03 -4.54 16.03
C ASP B 253 -13.78 -5.32 17.12
N ALA B 254 -15.10 -5.12 17.17
CA ALA B 254 -15.91 -5.75 18.20
C ALA B 254 -16.07 -7.24 17.97
N SER B 255 -16.03 -7.69 16.71
CA SER B 255 -16.04 -9.13 16.43
C SER B 255 -14.77 -9.79 16.96
N SER B 256 -13.61 -9.19 16.67
CA SER B 256 -12.36 -9.72 17.20
C SER B 256 -12.39 -9.73 18.72
N ALA B 257 -12.92 -8.67 19.33
CA ALA B 257 -13.02 -8.61 20.78
C ALA B 257 -13.82 -9.77 21.37
N THR B 258 -14.66 -10.46 20.60
CA THR B 258 -15.40 -11.57 21.21
C THR B 258 -14.47 -12.70 21.63
N TYR B 259 -13.31 -12.85 20.97
CA TYR B 259 -12.39 -13.93 21.34
C TYR B 259 -11.82 -13.77 22.74
N PRO B 260 -11.19 -12.65 23.10
CA PRO B 260 -10.71 -12.53 24.49
C PRO B 260 -11.83 -12.58 25.51
N LEU B 261 -12.97 -11.95 25.19
CA LEU B 261 -14.08 -11.98 26.13
C LEU B 261 -14.56 -13.40 26.36
N ALA B 262 -14.66 -14.19 25.29
CA ALA B 262 -15.03 -15.59 25.46
C ALA B 262 -13.96 -16.34 26.24
N PHE B 263 -12.68 -15.94 26.10
CA PHE B 263 -11.64 -16.60 26.87
C PHE B 263 -11.90 -16.42 28.36
N ALA B 264 -12.16 -15.20 28.79
CA ALA B 264 -12.55 -14.98 30.18
C ALA B 264 -13.76 -15.81 30.56
N ALA B 265 -14.77 -15.83 29.70
CA ALA B 265 -16.00 -16.58 29.98
C ALA B 265 -15.69 -18.04 30.25
N MET B 266 -14.91 -18.69 29.38
CA MET B 266 -14.71 -20.12 29.50
C MET B 266 -13.59 -20.52 30.46
N THR B 267 -12.74 -19.60 30.91
CA THR B 267 -11.68 -19.97 31.85
C THR B 267 -11.92 -19.45 33.27
N GLY B 268 -13.00 -18.72 33.50
CA GLY B 268 -13.25 -18.19 34.83
C GLY B 268 -12.31 -17.09 35.24
N THR B 269 -11.86 -16.28 34.29
CA THR B 269 -10.97 -15.15 34.52
C THR B 269 -11.66 -13.88 34.02
N SER B 270 -10.92 -12.78 34.04
CA SER B 270 -11.47 -11.47 33.75
C SER B 270 -10.80 -10.90 32.51
N CYS B 271 -11.59 -10.28 31.65
CA CYS B 271 -11.01 -9.60 30.50
C CYS B 271 -11.75 -8.29 30.28
N THR B 272 -10.99 -7.23 30.07
CA THR B 272 -11.56 -5.93 29.76
C THR B 272 -11.13 -5.52 28.36
N ILE B 273 -12.10 -5.12 27.55
CA ILE B 273 -11.83 -4.39 26.32
C ILE B 273 -12.02 -2.93 26.70
N PRO B 274 -10.95 -2.17 26.91
CA PRO B 274 -11.08 -0.87 27.57
C PRO B 274 -11.60 0.23 26.66
N ASN B 275 -11.88 -0.08 25.38
CA ASN B 275 -12.28 0.94 24.43
C ASN B 275 -13.50 0.53 23.59
N ILE B 276 -14.25 -0.51 23.99
CA ILE B 276 -15.47 -0.90 23.29
C ILE B 276 -16.59 -1.05 24.32
N GLY B 277 -17.72 -0.39 24.05
CA GLY B 277 -18.85 -0.40 24.98
C GLY B 277 -20.22 -0.34 24.32
N SER B 278 -21.23 0.12 25.08
CA SER B 278 -22.60 0.07 24.58
C SER B 278 -22.86 1.02 23.41
N SER B 279 -22.12 2.14 23.30
CA SER B 279 -22.36 3.07 22.20
C SER B 279 -21.77 2.62 20.86
N SER B 280 -21.31 1.38 20.76
CA SER B 280 -20.59 0.96 19.56
C SER B 280 -21.46 1.00 18.30
N LEU B 281 -20.84 1.36 17.20
CA LEU B 281 -21.44 1.20 15.88
C LEU B 281 -21.70 -0.27 15.51
N GLN B 282 -21.04 -1.21 16.17
CA GLN B 282 -21.02 -2.60 15.73
C GLN B 282 -21.93 -3.47 16.59
N GLY B 283 -22.72 -4.32 15.93
CA GLY B 283 -23.65 -5.17 16.64
C GLY B 283 -22.96 -6.16 17.58
N ASP B 284 -21.80 -6.68 17.16
CA ASP B 284 -21.09 -7.65 17.97
C ASP B 284 -20.63 -7.06 19.31
N ALA B 285 -20.65 -5.74 19.48
CA ALA B 285 -20.41 -5.17 20.80
C ALA B 285 -21.43 -5.65 21.83
N LYS B 286 -22.58 -6.13 21.40
CA LYS B 286 -23.61 -6.65 22.29
C LYS B 286 -23.31 -8.05 22.80
N PHE B 287 -22.25 -8.70 22.31
CA PHE B 287 -21.98 -10.10 22.64
C PHE B 287 -21.85 -10.31 24.15
N ALA B 288 -21.13 -9.43 24.84
CA ALA B 288 -20.89 -9.64 26.26
C ALA B 288 -22.18 -9.56 27.06
N VAL B 289 -23.05 -8.60 26.75
CA VAL B 289 -24.22 -8.39 27.58
C VAL B 289 -25.39 -9.31 27.18
N ASP B 290 -25.50 -9.68 25.91
CA ASP B 290 -26.66 -10.46 25.50
C ASP B 290 -26.37 -11.95 25.33
N VAL B 291 -25.10 -12.34 25.42
CA VAL B 291 -24.75 -13.75 25.32
C VAL B 291 -24.00 -14.15 26.59
N LEU B 292 -22.86 -13.51 26.84
CA LEU B 292 -21.99 -13.96 27.93
C LEU B 292 -22.64 -13.75 29.29
N LYS B 293 -23.30 -12.60 29.51
CA LYS B 293 -23.95 -12.39 30.80
C LYS B 293 -25.05 -13.41 31.09
N PRO B 294 -26.02 -13.65 30.19
CA PRO B 294 -27.02 -14.70 30.50
C PRO B 294 -26.42 -16.08 30.67
N MET B 295 -25.24 -16.33 30.13
CA MET B 295 -24.61 -17.63 30.31
C MET B 295 -23.90 -17.75 31.65
N GLY B 296 -23.91 -16.71 32.49
CA GLY B 296 -23.37 -16.80 33.83
C GLY B 296 -22.13 -15.99 34.11
N CYS B 297 -21.64 -15.17 33.18
CA CYS B 297 -20.54 -14.26 33.44
C CYS B 297 -21.03 -13.01 34.16
N LYS B 298 -20.17 -12.46 35.00
CA LYS B 298 -20.41 -11.13 35.55
C LYS B 298 -19.89 -10.11 34.55
N VAL B 299 -20.79 -9.25 34.06
CA VAL B 299 -20.45 -8.33 32.98
C VAL B 299 -20.76 -6.91 33.41
N GLU B 300 -19.82 -6.01 33.18
CA GLU B 300 -20.01 -4.58 33.32
C GLU B 300 -19.64 -3.93 32.00
N GLN B 301 -20.55 -3.14 31.45
CA GLN B 301 -20.29 -2.41 30.20
C GLN B 301 -20.70 -0.95 30.38
N THR B 302 -19.75 -0.05 30.16
CA THR B 302 -20.05 1.37 30.05
C THR B 302 -20.26 1.70 28.57
N THR B 303 -20.34 3.00 28.25
CA THR B 303 -20.54 3.34 26.85
C THR B 303 -19.33 2.98 26.00
N THR B 304 -18.14 2.95 26.60
CA THR B 304 -16.90 2.73 25.86
C THR B 304 -16.01 1.64 26.44
N SER B 305 -16.45 0.91 27.47
CA SER B 305 -15.63 -0.17 28.02
C SER B 305 -16.49 -1.37 28.36
N THR B 306 -15.91 -2.56 28.23
CA THR B 306 -16.56 -3.82 28.56
C THR B 306 -15.63 -4.71 29.37
N THR B 307 -16.15 -5.26 30.47
CA THR B 307 -15.41 -6.20 31.29
C THR B 307 -16.23 -7.46 31.52
N VAL B 308 -15.62 -8.60 31.25
CA VAL B 308 -16.27 -9.90 31.42
C VAL B 308 -15.44 -10.75 32.37
N THR B 309 -16.10 -11.31 33.37
CA THR B 309 -15.48 -12.30 34.25
C THR B 309 -16.29 -13.58 34.16
N GLY B 310 -15.63 -14.66 33.78
CA GLY B 310 -16.30 -15.93 33.67
C GLY B 310 -16.67 -16.50 35.03
N PRO B 311 -17.72 -17.32 35.06
CA PRO B 311 -18.01 -18.09 36.27
C PRO B 311 -16.94 -19.13 36.47
N PRO B 312 -16.92 -19.84 37.61
CA PRO B 312 -15.96 -20.93 37.78
C PRO B 312 -15.97 -21.86 36.58
N ARG B 313 -14.80 -22.38 36.26
CA ARG B 313 -14.63 -23.20 35.06
C ARG B 313 -15.58 -24.38 35.06
N GLY B 314 -16.38 -24.52 34.00
CA GLY B 314 -17.36 -25.58 33.91
C GLY B 314 -18.78 -25.19 34.27
N HIS B 315 -18.99 -23.97 34.77
CA HIS B 315 -20.28 -23.54 35.28
C HIS B 315 -21.01 -22.59 34.34
N LEU B 316 -20.61 -22.51 33.07
CA LEU B 316 -21.37 -21.67 32.14
C LEU B 316 -22.76 -22.24 31.95
N LYS B 317 -23.75 -21.35 31.80
CA LYS B 317 -25.11 -21.86 31.71
C LYS B 317 -25.59 -21.82 30.27
N PRO B 318 -26.29 -22.84 29.79
CA PRO B 318 -26.83 -22.78 28.43
C PRO B 318 -27.74 -21.58 28.27
N LEU B 319 -27.81 -21.09 27.04
CA LEU B 319 -28.70 -20.00 26.67
C LEU B 319 -29.81 -20.61 25.84
N PRO B 320 -30.99 -20.89 26.42
CA PRO B 320 -31.99 -21.68 25.68
C PRO B 320 -32.33 -21.13 24.32
N HIS B 321 -32.58 -19.83 24.22
CA HIS B 321 -32.74 -19.22 22.90
C HIS B 321 -32.20 -17.81 22.97
N VAL B 322 -31.43 -17.43 21.95
CA VAL B 322 -30.95 -16.07 21.77
C VAL B 322 -31.05 -15.75 20.28
N ASP B 323 -31.64 -14.60 19.97
CA ASP B 323 -31.66 -14.09 18.61
C ASP B 323 -30.41 -13.24 18.41
N MET B 324 -29.50 -13.68 17.54
CA MET B 324 -28.31 -12.92 17.19
C MET B 324 -28.38 -12.28 15.81
N GLU B 325 -29.58 -12.05 15.27
CA GLU B 325 -29.71 -11.15 14.13
C GLU B 325 -29.04 -9.78 14.38
N PRO B 326 -29.08 -9.18 15.57
CA PRO B 326 -28.39 -7.89 15.75
C PRO B 326 -26.87 -8.01 15.83
N MET B 327 -26.32 -9.22 15.69
CA MET B 327 -24.92 -9.49 15.99
C MET B 327 -24.54 -10.84 15.40
N THR B 328 -24.80 -11.00 14.09
CA THR B 328 -24.78 -12.33 13.47
C THR B 328 -23.39 -12.95 13.47
N ASP B 329 -22.35 -12.15 13.19
CA ASP B 329 -21.01 -12.72 13.09
C ASP B 329 -20.53 -13.31 14.41
N ALA B 330 -21.01 -12.78 15.54
CA ALA B 330 -20.57 -13.30 16.83
C ALA B 330 -21.15 -14.66 17.15
N PHE B 331 -22.05 -15.19 16.32
CA PHE B 331 -22.58 -16.51 16.61
C PHE B 331 -21.48 -17.57 16.64
N LEU B 332 -20.42 -17.37 15.84
CA LEU B 332 -19.30 -18.29 15.85
C LEU B 332 -18.69 -18.41 17.25
N THR B 333 -18.36 -17.28 17.87
CA THR B 333 -17.84 -17.33 19.22
C THR B 333 -18.92 -17.78 20.21
N ALA B 334 -20.16 -17.32 20.03
CA ALA B 334 -21.25 -17.80 20.87
C ALA B 334 -21.36 -19.32 20.83
N SER B 335 -21.16 -19.93 19.64
CA SER B 335 -21.30 -21.38 19.54
C SER B 335 -20.21 -22.10 20.31
N VAL B 336 -18.99 -21.56 20.29
CA VAL B 336 -17.88 -22.20 20.99
C VAL B 336 -18.03 -22.10 22.50
N VAL B 337 -18.57 -20.98 23.00
CA VAL B 337 -18.84 -20.87 24.43
C VAL B 337 -19.96 -21.82 24.84
N ALA B 338 -21.02 -21.91 24.03
CA ALA B 338 -22.11 -22.82 24.36
C ALA B 338 -21.66 -24.28 24.42
N ALA B 339 -20.59 -24.62 23.70
CA ALA B 339 -20.10 -25.99 23.65
C ALA B 339 -19.69 -26.53 25.01
N VAL B 340 -19.36 -25.67 25.97
CA VAL B 340 -18.99 -26.12 27.31
C VAL B 340 -20.00 -25.63 28.36
N ALA B 341 -21.20 -25.30 27.92
CA ALA B 341 -22.28 -24.94 28.84
C ALA B 341 -23.16 -26.16 28.92
N LYS B 342 -22.84 -27.03 29.87
CA LYS B 342 -23.62 -28.23 30.09
C LYS B 342 -24.92 -27.88 30.80
N GLY B 343 -26.00 -28.46 30.34
CA GLY B 343 -27.22 -28.39 31.11
C GLY B 343 -28.20 -29.46 30.70
N GLY B 344 -29.46 -29.18 30.98
CA GLY B 344 -30.52 -29.88 30.31
C GLY B 344 -30.66 -29.27 28.94
N SER B 345 -30.96 -27.97 28.89
CA SER B 345 -31.28 -27.35 27.61
C SER B 345 -30.05 -27.10 26.78
N SER B 346 -30.23 -27.20 25.46
CA SER B 346 -29.25 -26.73 24.51
C SER B 346 -29.31 -25.21 24.40
N THR B 347 -28.27 -24.64 23.78
CA THR B 347 -28.26 -23.25 23.35
C THR B 347 -28.73 -23.19 21.90
N SER B 348 -29.79 -22.43 21.64
CA SER B 348 -30.34 -22.28 20.30
C SER B 348 -30.15 -20.85 19.82
N ILE B 349 -29.40 -20.68 18.73
CA ILE B 349 -29.12 -19.37 18.14
C ILE B 349 -29.96 -19.26 16.87
N THR B 350 -30.77 -18.22 16.79
CA THR B 350 -31.56 -17.94 15.61
C THR B 350 -31.16 -16.56 15.07
N GLY B 351 -31.75 -16.20 13.93
CA GLY B 351 -31.52 -14.91 13.31
C GLY B 351 -30.27 -14.82 12.46
N ILE B 352 -29.64 -15.95 12.13
CA ILE B 352 -28.31 -15.95 11.55
C ILE B 352 -28.32 -16.61 10.18
N ALA B 353 -29.47 -16.56 9.50
CA ALA B 353 -29.56 -17.16 8.17
C ALA B 353 -28.58 -16.53 7.19
N ASN B 354 -28.16 -15.28 7.42
CA ASN B 354 -27.21 -14.68 6.50
C ASN B 354 -25.84 -15.33 6.58
N GLN B 355 -25.56 -16.06 7.68
CA GLN B 355 -24.28 -16.74 7.83
C GLN B 355 -24.16 -17.97 6.94
N ARG B 356 -25.22 -18.38 6.24
CA ARG B 356 -25.16 -19.55 5.36
C ARG B 356 -24.42 -19.27 4.06
N VAL B 357 -24.57 -18.06 3.52
CA VAL B 357 -24.17 -17.79 2.15
C VAL B 357 -23.03 -16.77 2.03
N LYS B 358 -22.04 -16.89 2.91
CA LYS B 358 -20.94 -15.94 2.94
C LYS B 358 -19.51 -16.32 2.54
N GLU B 359 -18.71 -16.75 3.52
CA GLU B 359 -17.31 -17.04 3.27
C GLU B 359 -17.37 -18.54 3.03
N CYS B 360 -18.17 -19.24 3.83
CA CYS B 360 -18.60 -20.61 3.55
C CYS B 360 -20.05 -20.71 4.05
N ASN B 361 -20.55 -21.90 4.28
CA ASN B 361 -21.81 -22.00 4.94
C ASN B 361 -21.36 -22.17 6.38
N ARG B 362 -21.35 -21.09 7.13
CA ARG B 362 -20.76 -21.02 8.47
C ARG B 362 -21.50 -21.89 9.48
N ILE B 363 -22.81 -22.06 9.32
CA ILE B 363 -23.56 -22.91 10.23
C ILE B 363 -23.19 -24.37 10.02
N GLU B 364 -23.26 -24.82 8.76
CA GLU B 364 -22.76 -26.14 8.42
C GLU B 364 -21.34 -26.34 8.95
N ALA B 365 -20.46 -25.38 8.67
CA ALA B 365 -19.08 -25.49 9.13
C ALA B 365 -19.03 -25.66 10.64
N MET B 366 -19.77 -24.82 11.37
CA MET B 366 -19.73 -24.87 12.83
C MET B 366 -20.19 -26.24 13.33
N VAL B 367 -21.26 -26.78 12.76
CA VAL B 367 -21.73 -28.09 13.20
C VAL B 367 -20.64 -29.13 12.97
N THR B 368 -20.06 -29.15 11.77
CA THR B 368 -19.10 -30.19 11.47
C THR B 368 -17.85 -30.07 12.34
N GLU B 369 -17.39 -28.84 12.63
CA GLU B 369 -16.21 -28.71 13.46
C GLU B 369 -16.51 -29.02 14.93
N LEU B 370 -17.69 -28.65 15.43
CA LEU B 370 -18.00 -28.95 16.82
C LEU B 370 -17.95 -30.45 17.08
N ALA B 371 -18.35 -31.26 16.09
CA ALA B 371 -18.37 -32.71 16.29
C ALA B 371 -16.98 -33.27 16.52
N LYS B 372 -15.94 -32.65 15.95
CA LYS B 372 -14.59 -33.15 16.16
C LYS B 372 -14.13 -32.99 17.60
N PHE B 373 -14.71 -32.05 18.34
CA PHE B 373 -14.45 -31.92 19.76
C PHE B 373 -15.38 -32.80 20.59
N GLY B 374 -16.22 -33.59 19.95
CA GLY B 374 -17.21 -34.38 20.65
C GLY B 374 -18.37 -33.58 21.18
N VAL B 375 -18.72 -32.49 20.54
CA VAL B 375 -19.81 -31.61 20.96
C VAL B 375 -20.95 -31.79 19.96
N PRO B 376 -22.09 -32.35 20.37
CA PRO B 376 -23.19 -32.53 19.41
C PRO B 376 -23.86 -31.20 19.08
N ALA B 377 -24.17 -31.02 17.79
CA ALA B 377 -24.80 -29.79 17.32
C ALA B 377 -25.62 -30.10 16.08
N ASN B 378 -26.56 -29.21 15.76
CA ASN B 378 -27.33 -29.37 14.54
C ASN B 378 -27.82 -28.02 14.06
N GLU B 379 -28.18 -27.96 12.78
CA GLU B 379 -28.77 -26.75 12.26
C GLU B 379 -30.21 -26.59 12.75
N LEU B 380 -30.70 -25.37 12.66
CA LEU B 380 -32.11 -25.08 12.87
C LEU B 380 -32.60 -24.39 11.62
N PRO B 381 -33.91 -24.26 11.41
CA PRO B 381 -34.38 -23.51 10.24
C PRO B 381 -33.76 -22.14 10.12
N ASP B 382 -33.60 -21.40 11.23
CA ASP B 382 -33.05 -20.06 11.20
C ASP B 382 -31.74 -19.96 11.98
N GLY B 383 -31.01 -21.05 12.15
CA GLY B 383 -29.79 -20.95 12.93
C GLY B 383 -29.18 -22.28 13.33
N ILE B 384 -28.74 -22.38 14.58
CA ILE B 384 -27.96 -23.53 15.03
C ILE B 384 -28.32 -23.82 16.48
N GLU B 385 -28.15 -25.09 16.87
CA GLU B 385 -28.43 -25.58 18.22
C GLU B 385 -27.19 -26.33 18.70
N ILE B 386 -26.69 -25.97 19.88
CA ILE B 386 -25.50 -26.58 20.46
C ILE B 386 -25.89 -27.31 21.75
N HIS B 387 -25.59 -28.60 21.82
CA HIS B 387 -25.84 -29.40 23.01
C HIS B 387 -24.52 -29.42 23.81
N GLY B 388 -24.37 -28.44 24.71
CA GLY B 388 -23.10 -28.27 25.40
C GLY B 388 -22.79 -29.44 26.31
N ILE B 389 -21.49 -29.66 26.56
CA ILE B 389 -21.03 -30.83 27.30
C ILE B 389 -20.22 -30.40 28.51
N ASP B 390 -19.99 -31.36 29.40
CA ASP B 390 -19.02 -31.13 30.47
C ASP B 390 -17.68 -30.91 29.78
N ILE B 391 -16.72 -30.34 30.50
CA ILE B 391 -15.42 -29.99 29.92
C ILE B 391 -14.67 -31.30 29.65
N GLU B 392 -15.34 -32.46 29.79
CA GLU B 392 -14.86 -33.72 29.22
C GLU B 392 -14.98 -33.45 27.71
N ASP B 393 -14.11 -32.61 27.17
CA ASP B 393 -13.94 -32.43 25.75
C ASP B 393 -13.09 -33.55 25.15
N LEU B 394 -13.13 -33.65 23.82
CA LEU B 394 -12.37 -34.63 23.08
C LEU B 394 -11.42 -33.87 22.16
N LYS B 395 -10.17 -34.33 22.09
CA LYS B 395 -9.19 -33.64 21.27
C LYS B 395 -9.38 -34.02 19.82
N THR B 396 -9.30 -33.04 18.96
CA THR B 396 -9.39 -33.24 17.53
C THR B 396 -8.19 -34.05 17.05
N PRO B 397 -8.39 -35.22 16.43
CA PRO B 397 -7.27 -36.05 15.96
C PRO B 397 -7.03 -36.04 14.45
N ASP B 409 -13.55 -19.74 6.94
CA ASP B 409 -13.43 -18.38 7.45
C ASP B 409 -12.28 -18.20 8.44
N HIS B 410 -11.70 -17.00 8.40
CA HIS B 410 -10.76 -16.59 9.44
C HIS B 410 -11.41 -16.69 10.82
N ARG B 411 -12.68 -16.30 10.89
CA ARG B 411 -13.41 -16.34 12.15
C ARG B 411 -14.21 -17.64 12.28
N VAL B 412 -13.61 -18.74 11.86
CA VAL B 412 -14.27 -20.04 11.93
C VAL B 412 -13.40 -21.06 12.68
N ALA B 413 -12.33 -21.49 12.03
CA ALA B 413 -11.42 -22.47 12.61
C ALA B 413 -10.61 -21.89 13.78
N MET B 414 -10.28 -20.60 13.69
CA MET B 414 -9.51 -19.95 14.73
C MET B 414 -10.31 -19.82 16.02
N SER B 415 -11.62 -19.61 15.94
CA SER B 415 -12.45 -19.52 17.13
C SER B 415 -12.41 -20.79 17.97
N PHE B 416 -11.99 -21.91 17.39
CA PHE B 416 -11.87 -23.14 18.15
C PHE B 416 -10.59 -23.22 18.96
N SER B 417 -9.68 -22.24 18.81
CA SER B 417 -8.58 -22.14 19.75
C SER B 417 -9.09 -21.94 21.17
N LEU B 418 -10.28 -21.34 21.32
CA LEU B 418 -10.90 -21.27 22.63
C LEU B 418 -11.24 -22.67 23.15
N LEU B 419 -11.88 -23.50 22.32
CA LEU B 419 -12.21 -24.85 22.75
C LEU B 419 -10.96 -25.69 22.95
N ALA B 420 -9.93 -25.46 22.12
CA ALA B 420 -8.68 -26.19 22.25
C ALA B 420 -8.03 -25.95 23.60
N GLY B 421 -8.15 -24.74 24.16
CA GLY B 421 -7.51 -24.45 25.42
C GLY B 421 -8.10 -25.18 26.60
N LEU B 422 -9.30 -25.75 26.47
CA LEU B 422 -9.94 -26.44 27.57
C LEU B 422 -9.74 -27.95 27.50
N CYS B 423 -9.17 -28.45 26.40
CA CYS B 423 -8.81 -29.86 26.31
C CYS B 423 -7.63 -30.16 27.25
N LYS B 424 -7.28 -31.44 27.33
CA LYS B 424 -6.14 -31.89 28.13
C LYS B 424 -4.89 -32.06 27.29
N GLU B 425 -4.99 -31.86 25.98
CA GLU B 425 -3.96 -32.14 25.01
C GLU B 425 -3.89 -30.98 24.03
N PRO B 426 -2.69 -30.60 23.58
CA PRO B 426 -2.59 -29.54 22.57
C PRO B 426 -3.31 -29.92 21.28
N VAL B 427 -3.89 -28.90 20.63
CA VAL B 427 -4.69 -29.08 19.42
C VAL B 427 -4.20 -28.11 18.36
N LEU B 428 -4.05 -28.62 17.13
CA LEU B 428 -3.64 -27.80 16.00
C LEU B 428 -4.82 -26.99 15.47
N ILE B 429 -4.66 -25.68 15.41
CA ILE B 429 -5.73 -24.80 14.93
C ILE B 429 -5.36 -24.17 13.59
N THR B 438 -9.21 -9.98 10.10
CA THR B 438 -7.94 -10.70 10.19
C THR B 438 -7.24 -10.35 11.50
N TRP B 439 -6.56 -11.34 12.09
CA TRP B 439 -5.97 -11.18 13.42
C TRP B 439 -4.83 -12.16 13.66
N PRO B 440 -3.63 -11.85 13.14
CA PRO B 440 -2.44 -12.56 13.60
C PRO B 440 -2.01 -12.16 15.02
N GLY B 441 -2.49 -11.03 15.53
CA GLY B 441 -2.19 -10.66 16.90
C GLY B 441 -2.94 -11.46 17.95
N TRP B 442 -3.97 -12.22 17.56
CA TRP B 442 -4.66 -13.06 18.54
C TRP B 442 -3.71 -14.10 19.13
N TRP B 443 -2.87 -14.72 18.29
CA TRP B 443 -1.85 -15.63 18.81
C TRP B 443 -0.84 -14.91 19.69
N ASP B 444 -0.36 -13.73 19.24
CA ASP B 444 0.50 -12.92 20.08
C ASP B 444 -0.19 -12.57 21.40
N ILE B 445 -1.51 -12.37 21.34
CA ILE B 445 -2.28 -12.07 22.55
C ILE B 445 -2.41 -13.30 23.44
N LEU B 446 -2.72 -14.46 22.84
CA LEU B 446 -2.79 -15.70 23.60
C LEU B 446 -1.47 -15.94 24.35
N HIS B 447 -0.35 -15.62 23.71
CA HIS B 447 0.94 -15.88 24.33
C HIS B 447 1.34 -14.77 25.30
N SER B 448 1.45 -13.54 24.82
CA SER B 448 2.07 -12.51 25.65
C SER B 448 1.15 -11.99 26.74
N LYS B 449 -0.16 -12.13 26.57
CA LYS B 449 -1.08 -11.56 27.54
C LYS B 449 -1.87 -12.62 28.30
N PHE B 450 -2.38 -13.64 27.62
CA PHE B 450 -3.05 -14.73 28.30
C PHE B 450 -2.07 -15.81 28.76
N LYS B 451 -0.79 -15.70 28.36
CA LYS B 451 0.28 -16.55 28.87
C LYS B 451 0.05 -18.03 28.56
N ILE B 452 -0.49 -18.31 27.37
CA ILE B 452 -0.71 -19.67 26.89
C ILE B 452 0.48 -20.07 26.02
N GLU B 453 0.93 -21.31 26.18
CA GLU B 453 2.04 -21.80 25.37
C GLU B 453 1.52 -22.26 24.01
N LEU B 454 2.33 -22.02 22.97
CA LEU B 454 1.99 -22.36 21.60
C LEU B 454 3.16 -23.08 20.93
N ASP B 455 2.84 -24.10 20.14
CA ASP B 455 3.84 -24.94 19.44
C ASP B 455 5.04 -25.32 20.30
C TRS C . 15.97 5.80 -7.11
C1 TRS C . 16.98 5.15 -6.17
C2 TRS C . 15.93 4.98 -8.38
C3 TRS C . 16.36 7.23 -7.49
N TRS C . 14.64 5.82 -6.46
O1 TRS C . 18.27 5.09 -6.75
O2 TRS C . 14.92 4.04 -8.22
O3 TRS C . 17.57 7.18 -8.20
C1 S3P D . 16.87 1.91 -13.58
C2 S3P D . 17.80 2.01 -14.88
C3 S3P D . 17.75 3.19 -15.72
C4 S3P D . 17.04 4.47 -14.97
C5 S3P D . 15.83 4.16 -14.40
C6 S3P D . 15.91 2.94 -13.27
C7 S3P D . 16.75 0.55 -12.89
O1 S3P D . 17.01 2.88 -16.87
O2 S3P D . 16.85 5.48 -15.97
O3 S3P D . 15.29 5.33 -13.72
O4 S3P D . 16.22 0.47 -11.75
O5 S3P D . 17.17 -0.48 -13.46
P1 S3P D . 17.70 3.05 -18.37
O6 S3P D . 18.94 2.20 -18.49
O7 S3P D . 18.09 4.50 -18.53
O8 S3P D . 16.67 2.62 -19.37
C TRS E . -15.71 -5.70 10.96
C1 TRS E . -15.61 -5.46 9.45
C2 TRS E . -14.45 -6.41 11.33
C3 TRS E . -16.91 -6.56 11.37
N TRS E . -15.74 -4.40 11.64
O1 TRS E . -14.78 -6.41 8.81
O2 TRS E . -13.41 -5.67 10.74
O3 TRS E . -17.81 -5.80 12.17
C1 S3P F . -19.16 -5.31 4.49
C2 S3P F . -20.66 -5.82 4.50
C3 S3P F . -20.92 -7.24 4.38
C4 S3P F . -19.74 -8.11 5.14
C5 S3P F . -18.47 -7.79 4.70
C6 S3P F . -18.10 -6.20 4.88
C7 S3P F . -18.91 -3.81 4.67
O1 S3P F . -20.93 -7.56 3.01
O2 S3P F . -20.01 -9.51 4.90
O3 S3P F . -17.48 -8.51 5.45
O4 S3P F . -19.73 -2.99 4.18
O5 S3P F . -17.90 -3.42 5.32
P1 S3P F . -22.19 -8.39 2.31
O6 S3P F . -22.32 -9.73 3.01
O7 S3P F . -21.87 -8.54 0.85
O8 S3P F . -23.47 -7.59 2.45
#